data_7X4K
#
_entry.id   7X4K
#
_cell.length_a   1.00
_cell.length_b   1.00
_cell.length_c   1.00
_cell.angle_alpha   90.00
_cell.angle_beta   90.00
_cell.angle_gamma   90.00
#
_symmetry.space_group_name_H-M   'P 1'
#
loop_
_entity.id
_entity.type
_entity.pdbx_description
1 polymer '9A3 heavy chain'
2 polymer '9A3 light chain'
3 polymer 'Virion protein 1'
4 polymer 'Genome polyprotein'
5 polymer VP3
#
loop_
_entity_poly.entity_id
_entity_poly.type
_entity_poly.pdbx_seq_one_letter_code
_entity_poly.pdbx_strand_id
1 'polypeptide(L)'
;EVKLVESGGGLVQPGGSLSLSCAASGFTFTDYYMNWVRQPSGKALEWLGFLRNKANGYTTEYSASVKGRFTISRDNSQSI
LYLQMNALRAEDSATYYCARSRYYGGTYRYALDYWGQGTSVTVS
;
H
2 'polypeptide(L)'
;ENVLTQSPPIMSASPGEKVTMTCRASSSVSSSYLHWYQQKSGASPKLWIYSTSNLASGVPARFSGSGSGTSYSLTISSVE
AEDAATYYCQQFSGYPLTFGAGTKLELK
;
L
3 'polypeptide(L)'
;GPVEESVDRAVARVADTISSRPTNSESIPALTAAETGHTSQVVPSDTMQTRHVKNYHSRSESSIENFLCRSACVYYATYT
NNSKKGFAEWVINTRQVAQLRRKLELFTYLRFDLELTFVITSAQQPSTASSVDAPVQTHQIMYVPPGGPVPTKVKDYAWQ
TSTNPSVFWTEGNAPPRMSIPFISIGNAYSCFYDGWTQFSRNGVYGINTLNNMGTLYMRHVNEAGQGPIKSTVRIYFKPK
HVKAWVPRPPRLCQYEKQKNVNFSPIGVTTSRTDIITT
;
A
4 'polypeptide(L)'
;SPSAEECGYSDRVRSITLGNSTITTQECANVVVGYGVWPEYLKDNEATAEDQPTQPDVATCRFYTLESVQWMKNSAGWWW
KLPDALSQMGLFGQNMQYHYLGRTGYTIHVQCNASKFHQGCLLVVCVPEAEMGCSNLNNTPEFSELSGGDSARMFTDTQV
GESNAKKVQTAVWNAGMGVGVGNLTIFPHQWINLRTNNSATLVMPYINSVPMDNMFRHNNLTLMIIPFVPLNYSEGSSPY
VPITVTIAPMCAEYNGLRLASNQ
;
B
5 'polypeptide(L)'
;GLPVMTTPGSTQFLTSDDFQSPSAMPQFDVTPEMQIPGRVNNLMEIAEVDSVVPVNNTEDNVSSLKAYQIPVQSNSDNGK
QVFGFPLQPGANNVLNRTLLGEILNYYTHWSGSIKLTFMFCGSAMATGKFLLAYSPPGAGVPKNRKDAMLGTHVIWDVGL
QSSCVLCVPWISQTHYRYVVEDEYTAAGYVTCWYQTNIVVPADVQSSCDILCFVSACNDFSVRMLKDTPFIRQDTFYQ
;
C
#
# COMPACT_ATOMS: atom_id res chain seq x y z
N GLU A 1 -10.39 -20.34 31.23
CA GLU A 1 -9.02 -19.98 31.56
C GLU A 1 -8.04 -20.77 30.70
N VAL A 2 -7.08 -20.05 30.12
CA VAL A 2 -6.07 -20.67 29.28
C VAL A 2 -5.12 -21.50 30.13
N LYS A 3 -4.67 -22.62 29.59
CA LYS A 3 -3.73 -23.52 30.26
C LYS A 3 -2.97 -24.27 29.18
N LEU A 4 -1.76 -23.83 28.89
CA LEU A 4 -0.97 -24.39 27.81
C LEU A 4 0.11 -25.29 28.39
N VAL A 5 0.01 -26.58 28.12
CA VAL A 5 0.97 -27.55 28.62
C VAL A 5 1.80 -28.04 27.44
N GLU A 6 3.11 -28.20 27.67
CA GLU A 6 4.05 -28.57 26.63
C GLU A 6 4.94 -29.69 27.13
N SER A 7 5.24 -30.62 26.24
CA SER A 7 6.05 -31.78 26.60
C SER A 7 7.00 -32.10 25.46
N GLY A 8 7.96 -32.98 25.75
CA GLY A 8 8.91 -33.43 24.75
C GLY A 8 10.36 -33.10 25.05
N GLY A 9 10.68 -32.44 26.15
CA GLY A 9 12.04 -32.07 26.44
C GLY A 9 12.85 -33.20 27.02
N GLY A 10 14.14 -33.18 26.73
CA GLY A 10 15.04 -34.21 27.21
C GLY A 10 16.35 -34.21 26.44
N LEU A 11 17.07 -35.32 26.56
CA LEU A 11 18.38 -35.46 25.95
C LEU A 11 18.25 -35.70 24.46
N VAL A 12 19.19 -35.13 23.70
CA VAL A 12 19.29 -35.38 22.26
C VAL A 12 20.73 -35.12 21.84
N GLN A 13 21.23 -35.94 20.92
CA GLN A 13 22.58 -35.77 20.39
C GLN A 13 22.59 -34.69 19.31
N PRO A 14 23.73 -34.04 19.09
CA PRO A 14 23.82 -33.07 18.00
C PRO A 14 23.76 -33.75 16.63
N GLY A 15 23.07 -33.11 15.69
CA GLY A 15 22.89 -33.62 14.36
C GLY A 15 21.59 -34.36 14.13
N GLY A 16 20.75 -34.53 15.15
CA GLY A 16 19.53 -35.29 15.03
C GLY A 16 18.30 -34.42 14.86
N SER A 17 17.17 -34.92 15.37
CA SER A 17 15.89 -34.26 15.29
C SER A 17 15.13 -34.39 16.60
N LEU A 18 14.06 -33.61 16.73
CA LEU A 18 13.22 -33.61 17.92
C LEU A 18 11.87 -33.00 17.54
N SER A 19 10.80 -33.49 18.17
CA SER A 19 9.45 -33.00 17.92
C SER A 19 8.78 -32.69 19.25
N LEU A 20 8.51 -31.41 19.49
CA LEU A 20 7.81 -31.00 20.70
C LEU A 20 6.30 -31.01 20.47
N SER A 21 5.55 -30.98 21.56
CA SER A 21 4.09 -30.99 21.48
C SER A 21 3.54 -30.09 22.58
N CYS A 22 2.69 -29.14 22.19
CA CYS A 22 2.13 -28.16 23.10
C CYS A 22 0.62 -28.17 22.96
N ALA A 23 -0.07 -28.53 24.04
CA ALA A 23 -1.52 -28.69 24.03
C ALA A 23 -2.21 -27.43 24.52
N ALA A 24 -3.45 -27.24 24.09
CA ALA A 24 -4.22 -26.04 24.37
C ALA A 24 -5.55 -26.40 25.03
N SER A 25 -5.95 -25.60 26.02
CA SER A 25 -7.18 -25.85 26.74
C SER A 25 -7.67 -24.54 27.34
N GLY A 26 -8.99 -24.30 27.24
CA GLY A 26 -9.61 -23.12 27.79
C GLY A 26 -10.03 -22.08 26.77
N PHE A 27 -9.80 -22.34 25.48
CA PHE A 27 -10.17 -21.39 24.45
C PHE A 27 -10.38 -22.14 23.15
N THR A 28 -11.05 -21.47 22.21
CA THR A 28 -11.14 -21.98 20.84
C THR A 28 -9.80 -21.76 20.17
N PHE A 29 -9.21 -22.83 19.65
CA PHE A 29 -7.83 -22.78 19.19
C PHE A 29 -7.67 -22.00 17.89
N THR A 30 -8.72 -21.86 17.10
CA THR A 30 -8.61 -21.28 15.76
C THR A 30 -8.88 -19.79 15.73
N ASP A 31 -8.72 -19.09 16.86
CA ASP A 31 -8.94 -17.66 16.89
C ASP A 31 -7.79 -16.86 17.49
N TYR A 32 -6.74 -17.52 18.00
CA TYR A 32 -5.65 -16.80 18.63
C TYR A 32 -4.33 -17.23 18.01
N TYR A 33 -3.43 -16.26 17.89
CA TYR A 33 -2.12 -16.51 17.33
C TYR A 33 -1.26 -17.29 18.34
N MET A 34 -0.45 -18.21 17.84
CA MET A 34 0.36 -19.10 18.65
C MET A 34 1.83 -18.80 18.41
N ASN A 35 2.56 -18.44 19.46
CA ASN A 35 3.95 -18.07 19.35
C ASN A 35 4.86 -19.09 20.03
N TRP A 36 6.16 -18.89 19.89
CA TRP A 36 7.16 -19.78 20.46
C TRP A 36 8.40 -18.97 20.79
N VAL A 37 8.75 -18.89 22.08
CA VAL A 37 9.89 -18.11 22.54
C VAL A 37 10.80 -19.02 23.35
N ARG A 38 12.08 -19.05 23.00
CA ARG A 38 13.08 -19.77 23.76
C ARG A 38 13.88 -18.80 24.62
N GLN A 39 14.37 -19.32 25.76
CA GLN A 39 15.17 -18.53 26.65
C GLN A 39 16.37 -19.36 27.10
N PRO A 40 17.59 -18.93 26.79
CA PRO A 40 18.76 -19.60 27.35
C PRO A 40 18.87 -19.33 28.84
N SER A 41 19.60 -20.18 29.56
CA SER A 41 19.66 -20.12 31.01
C SER A 41 20.39 -18.87 31.49
N GLY A 42 19.64 -17.89 31.99
CA GLY A 42 20.23 -16.65 32.47
C GLY A 42 20.58 -15.66 31.39
N LYS A 43 19.95 -15.75 30.23
CA LYS A 43 20.25 -14.87 29.10
C LYS A 43 18.95 -14.23 28.61
N ALA A 44 19.08 -13.26 27.72
CA ALA A 44 17.95 -12.52 27.18
C ALA A 44 17.06 -13.41 26.31
N LEU A 45 15.85 -12.96 26.08
CA LEU A 45 14.86 -13.73 25.33
C LEU A 45 15.05 -13.54 23.83
N GLU A 46 14.64 -14.57 23.08
CA GLU A 46 14.63 -14.52 21.63
C GLU A 46 13.36 -15.21 21.14
N TRP A 47 12.68 -14.55 20.20
CA TRP A 47 11.44 -15.06 19.64
C TRP A 47 11.73 -15.83 18.35
N LEU A 48 11.04 -16.95 18.18
CA LEU A 48 11.28 -17.83 17.03
C LEU A 48 10.37 -17.52 15.86
N GLY A 49 9.06 -17.64 16.06
CA GLY A 49 8.12 -17.48 14.96
C GLY A 49 6.74 -17.95 15.34
N PHE A 50 5.72 -17.47 14.65
CA PHE A 50 4.36 -17.73 15.09
C PHE A 50 3.55 -18.37 13.97
N LEU A 51 2.26 -18.55 14.26
CA LEU A 51 1.31 -19.18 13.35
C LEU A 51 -0.01 -18.46 13.49
N ARG A 52 -0.61 -18.10 12.36
CA ARG A 52 -1.87 -17.36 12.39
C ARG A 52 -3.05 -18.31 12.57
N ASN A 53 -4.23 -17.71 12.74
CA ASN A 53 -5.44 -18.46 13.01
C ASN A 53 -6.12 -18.88 11.71
N LYS A 54 -7.37 -19.33 11.81
CA LYS A 54 -8.08 -19.84 10.64
C LYS A 54 -8.49 -18.73 9.68
N ALA A 55 -8.79 -17.54 10.21
CA ALA A 55 -9.24 -16.44 9.38
C ALA A 55 -8.13 -15.78 8.57
N ASN A 56 -6.87 -16.13 8.83
CA ASN A 56 -5.75 -15.56 8.08
C ASN A 56 -5.05 -16.58 7.19
N GLY A 57 -5.57 -17.79 7.10
CA GLY A 57 -5.07 -18.77 6.16
C GLY A 57 -3.92 -19.64 6.63
N TYR A 58 -3.66 -19.68 7.95
CA TYR A 58 -2.69 -20.59 8.58
C TYR A 58 -1.26 -20.39 8.08
N THR A 59 -0.78 -19.16 8.08
CA THR A 59 0.57 -18.90 7.61
C THR A 59 1.54 -18.77 8.79
N THR A 60 2.83 -18.87 8.49
CA THR A 60 3.89 -18.76 9.48
C THR A 60 4.91 -17.72 9.06
N GLU A 61 5.56 -17.10 10.05
CA GLU A 61 6.67 -16.17 9.83
C GLU A 61 7.74 -16.44 10.89
N TYR A 62 8.82 -17.09 10.50
CA TYR A 62 9.92 -17.37 11.40
C TYR A 62 10.82 -16.15 11.56
N SER A 63 11.87 -16.32 12.37
CA SER A 63 12.89 -15.30 12.52
C SER A 63 13.89 -15.42 11.37
N ALA A 64 14.94 -14.61 11.41
CA ALA A 64 15.92 -14.60 10.33
C ALA A 64 17.06 -15.58 10.57
N SER A 65 17.41 -15.83 11.82
CA SER A 65 18.54 -16.71 12.11
C SER A 65 18.15 -18.18 12.15
N VAL A 66 16.89 -18.48 12.40
CA VAL A 66 16.45 -19.86 12.65
C VAL A 66 15.50 -20.35 11.57
N LYS A 67 15.47 -19.71 10.40
CA LYS A 67 14.58 -20.12 9.33
C LYS A 67 15.09 -21.41 8.69
N GLY A 68 14.17 -22.31 8.36
CA GLY A 68 14.48 -23.53 7.64
C GLY A 68 14.74 -24.73 8.53
N ARG A 69 15.52 -24.56 9.59
CA ARG A 69 15.87 -25.69 10.45
C ARG A 69 14.69 -26.14 11.30
N PHE A 70 13.71 -25.26 11.52
CA PHE A 70 12.54 -25.59 12.30
C PHE A 70 11.30 -25.51 11.42
N THR A 71 10.18 -25.98 11.96
CA THR A 71 8.91 -25.96 11.23
C THR A 71 7.78 -25.93 12.23
N ILE A 72 6.93 -24.91 12.13
CA ILE A 72 5.74 -24.78 12.96
C ILE A 72 4.56 -25.36 12.20
N SER A 73 3.88 -26.32 12.81
CA SER A 73 2.74 -26.95 12.17
C SER A 73 1.70 -27.26 13.24
N ARG A 74 0.44 -27.23 12.83
CA ARG A 74 -0.67 -27.51 13.72
C ARG A 74 -1.41 -28.73 13.23
N ASP A 75 -2.21 -29.29 14.13
CA ASP A 75 -3.11 -30.38 13.81
C ASP A 75 -4.49 -29.79 13.60
N ASN A 76 -5.24 -30.34 12.65
CA ASN A 76 -6.58 -29.83 12.42
C ASN A 76 -7.59 -30.44 13.37
N SER A 77 -7.30 -31.62 13.91
CA SER A 77 -8.29 -32.34 14.70
C SER A 77 -8.47 -31.75 16.09
N GLN A 78 -7.42 -31.78 16.90
CA GLN A 78 -7.51 -31.31 18.28
C GLN A 78 -6.71 -30.02 18.45
N SER A 79 -6.98 -29.34 19.55
CA SER A 79 -6.28 -28.11 19.92
C SER A 79 -4.90 -28.50 20.44
N ILE A 80 -3.98 -28.74 19.51
CA ILE A 80 -2.64 -29.17 19.84
C ILE A 80 -1.70 -28.55 18.83
N LEU A 81 -0.43 -28.43 19.22
CA LEU A 81 0.56 -27.75 18.39
C LEU A 81 1.84 -28.58 18.34
N TYR A 82 2.50 -28.55 17.20
CA TYR A 82 3.74 -29.28 17.00
C TYR A 82 4.88 -28.30 16.77
N LEU A 83 6.10 -28.79 16.99
CA LEU A 83 7.30 -28.02 16.68
C LEU A 83 8.36 -29.00 16.24
N GLN A 84 8.69 -28.99 14.95
CA GLN A 84 9.66 -29.92 14.39
C GLN A 84 11.04 -29.27 14.43
N MET A 85 12.02 -30.00 14.95
CA MET A 85 13.39 -29.55 14.97
C MET A 85 14.23 -30.44 14.05
N ASN A 86 15.16 -29.81 13.33
CA ASN A 86 16.02 -30.55 12.43
C ASN A 86 17.43 -29.97 12.48
N ALA A 87 18.40 -30.88 12.60
CA ALA A 87 19.83 -30.59 12.60
C ALA A 87 20.21 -29.58 13.68
N LEU A 88 20.03 -30.00 14.93
CA LEU A 88 20.32 -29.15 16.07
C LEU A 88 21.82 -28.91 16.20
N ARG A 89 22.18 -27.86 16.91
CA ARG A 89 23.57 -27.57 17.22
C ARG A 89 23.75 -27.58 18.74
N ALA A 90 24.98 -27.29 19.17
CA ALA A 90 25.29 -27.32 20.58
C ALA A 90 24.80 -26.09 21.33
N GLU A 91 24.41 -25.04 20.63
CA GLU A 91 24.02 -23.78 21.26
C GLU A 91 22.51 -23.60 21.40
N ASP A 92 21.72 -24.60 21.02
CA ASP A 92 20.28 -24.52 21.20
C ASP A 92 19.82 -25.08 22.55
N SER A 93 20.73 -25.14 23.53
CA SER A 93 20.37 -25.56 24.88
C SER A 93 19.60 -24.45 25.56
N ALA A 94 18.27 -24.52 25.52
CA ALA A 94 17.43 -23.52 26.15
C ALA A 94 16.12 -24.18 26.53
N THR A 95 15.24 -23.41 27.15
CA THR A 95 13.91 -23.87 27.50
C THR A 95 12.92 -23.26 26.51
N TYR A 96 11.84 -23.97 26.23
CA TYR A 96 10.90 -23.56 25.19
C TYR A 96 9.52 -23.38 25.79
N TYR A 97 8.92 -22.22 25.54
CA TYR A 97 7.65 -21.82 26.12
C TYR A 97 6.55 -21.86 25.05
N CYS A 98 5.33 -21.52 25.47
CA CYS A 98 4.18 -21.53 24.59
C CYS A 98 3.37 -20.27 24.88
N ALA A 99 3.37 -19.33 23.95
CA ALA A 99 2.73 -18.04 24.18
C ALA A 99 1.52 -17.85 23.27
N ARG A 100 0.55 -17.10 23.78
CA ARG A 100 -0.65 -16.71 23.06
C ARG A 100 -0.66 -15.21 22.82
N SER A 101 -1.19 -14.81 21.68
CA SER A 101 -1.36 -13.40 21.36
C SER A 101 -2.80 -13.14 20.96
N ARG A 102 -3.29 -11.96 21.32
CA ARG A 102 -4.70 -11.64 21.13
C ARG A 102 -4.83 -10.18 20.75
N TYR A 103 -6.02 -9.82 20.26
CA TYR A 103 -6.32 -8.44 19.91
C TYR A 103 -6.68 -7.67 21.17
N TYR A 104 -6.25 -6.40 21.23
CA TYR A 104 -6.55 -5.58 22.39
C TYR A 104 -7.72 -4.63 22.12
N GLY A 105 -7.59 -3.78 21.11
CA GLY A 105 -8.72 -2.99 20.67
C GLY A 105 -9.42 -3.74 19.58
N GLY A 106 -9.38 -3.20 18.37
CA GLY A 106 -9.75 -3.95 17.19
C GLY A 106 -8.56 -4.33 16.35
N THR A 107 -7.39 -3.78 16.63
CA THR A 107 -6.19 -4.05 15.86
C THR A 107 -5.37 -5.16 16.50
N TYR A 108 -4.23 -5.42 15.90
CA TYR A 108 -3.31 -6.47 16.36
C TYR A 108 -2.06 -5.80 16.91
N ARG A 109 -1.93 -5.79 18.23
CA ARG A 109 -0.65 -5.47 18.83
C ARG A 109 0.21 -6.73 18.88
N TYR A 110 1.47 -6.55 19.23
CA TYR A 110 2.45 -7.65 19.14
C TYR A 110 2.89 -8.13 20.51
N ALA A 111 1.98 -8.23 21.46
CA ALA A 111 2.32 -8.73 22.78
C ALA A 111 1.93 -10.20 22.93
N LEU A 112 2.54 -10.85 23.91
CA LEU A 112 2.30 -12.27 24.19
C LEU A 112 1.88 -12.38 25.66
N ASP A 113 0.58 -12.51 25.92
CA ASP A 113 0.08 -12.29 27.27
C ASP A 113 0.12 -13.54 28.14
N TYR A 114 -0.24 -14.70 27.60
CA TYR A 114 -0.42 -15.90 28.39
C TYR A 114 0.59 -16.96 27.95
N TRP A 115 1.35 -17.46 28.91
CA TRP A 115 2.52 -18.28 28.63
C TRP A 115 2.36 -19.67 29.24
N GLY A 116 3.06 -20.63 28.66
CA GLY A 116 3.07 -21.98 29.19
C GLY A 116 4.08 -22.14 30.32
N GLN A 117 4.22 -23.39 30.76
CA GLN A 117 5.11 -23.69 31.88
C GLN A 117 6.57 -23.84 31.45
N GLY A 118 6.83 -24.17 30.19
CA GLY A 118 8.18 -24.23 29.70
C GLY A 118 8.82 -25.60 29.85
N THR A 119 9.15 -26.21 28.71
CA THR A 119 9.90 -27.45 28.69
C THR A 119 11.35 -27.18 28.30
N SER A 120 12.26 -27.98 28.84
CA SER A 120 13.69 -27.74 28.70
C SER A 120 14.30 -28.68 27.68
N VAL A 121 14.98 -28.12 26.69
CA VAL A 121 15.63 -28.91 25.65
C VAL A 121 17.13 -28.68 25.74
N THR A 122 17.87 -29.74 26.03
CA THR A 122 19.32 -29.69 26.12
C THR A 122 19.95 -30.60 25.08
N VAL A 123 21.22 -30.36 24.79
CA VAL A 123 21.98 -31.14 23.82
C VAL A 123 23.26 -31.62 24.48
N SER A 124 23.98 -32.48 23.77
CA SER A 124 25.24 -33.03 24.27
C SER A 124 26.30 -33.06 23.18
N ASN B 2 17.04 -3.93 14.95
CA ASN B 2 16.92 -3.03 16.08
C ASN B 2 17.32 -3.72 17.38
N VAL B 3 18.08 -3.02 18.22
CA VAL B 3 18.49 -3.54 19.52
C VAL B 3 17.96 -2.62 20.60
N LEU B 4 17.89 -3.15 21.81
CA LEU B 4 17.30 -2.44 22.94
C LEU B 4 18.32 -2.30 24.05
N THR B 5 18.70 -1.07 24.35
CA THR B 5 19.67 -0.79 25.39
C THR B 5 18.92 -0.42 26.67
N GLN B 6 18.63 -1.42 27.48
CA GLN B 6 18.09 -1.17 28.81
C GLN B 6 19.21 -0.67 29.71
N SER B 7 18.84 0.15 30.69
CA SER B 7 19.82 0.79 31.52
C SER B 7 19.21 1.23 32.84
N PRO B 8 19.80 0.85 33.98
CA PRO B 8 20.91 -0.09 34.12
C PRO B 8 20.42 -1.51 34.45
N PRO B 9 21.26 -2.53 34.24
CA PRO B 9 20.80 -3.89 34.56
C PRO B 9 20.67 -4.17 36.05
N ILE B 10 21.55 -3.61 36.88
CA ILE B 10 21.57 -3.92 38.30
C ILE B 10 21.05 -2.73 39.07
N MET B 11 19.97 -2.94 39.82
CA MET B 11 19.47 -1.98 40.79
C MET B 11 19.00 -2.74 42.02
N SER B 12 19.12 -2.10 43.19
CA SER B 12 18.46 -2.56 44.41
C SER B 12 17.71 -1.40 45.03
N ALA B 13 16.67 -1.70 45.79
CA ALA B 13 15.79 -0.66 46.29
C ALA B 13 15.20 -1.06 47.63
N SER B 14 15.03 -0.08 48.51
CA SER B 14 14.37 -0.26 49.79
C SER B 14 12.86 -0.07 49.63
N PRO B 15 12.05 -0.65 50.54
CA PRO B 15 10.61 -0.47 50.45
C PRO B 15 10.18 0.97 50.73
N GLY B 16 9.45 1.55 49.78
CA GLY B 16 8.84 2.87 49.95
C GLY B 16 9.31 3.93 48.98
N GLU B 17 10.15 3.60 47.99
CA GLU B 17 10.76 4.63 47.17
C GLU B 17 10.20 4.65 45.74
N LYS B 18 10.68 5.61 44.97
CA LYS B 18 10.26 5.85 43.59
C LYS B 18 11.36 5.38 42.65
N VAL B 19 11.09 4.33 41.88
CA VAL B 19 12.11 3.67 41.08
C VAL B 19 11.71 3.69 39.61
N THR B 20 12.68 4.04 38.75
CA THR B 20 12.48 4.08 37.31
C THR B 20 13.50 3.19 36.62
N MET B 21 13.05 2.53 35.55
CA MET B 21 13.93 1.86 34.60
C MET B 21 13.57 2.29 33.18
N THR B 22 14.55 2.21 32.30
CA THR B 22 14.45 2.75 30.96
C THR B 22 14.61 1.66 29.91
N CYS B 23 14.08 1.93 28.73
CA CYS B 23 14.25 1.06 27.56
C CYS B 23 14.49 1.97 26.36
N ARG B 24 15.72 1.98 25.87
CA ARG B 24 16.13 2.84 24.77
C ARG B 24 16.38 1.99 23.52
N ALA B 25 15.77 2.39 22.41
CA ALA B 25 15.87 1.64 21.17
C ALA B 25 16.95 2.24 20.27
N SER B 26 17.49 1.38 19.39
CA SER B 26 18.52 1.82 18.46
C SER B 26 17.93 2.62 17.31
N SER B 27 16.62 2.54 17.10
CA SER B 27 15.90 3.30 16.08
C SER B 27 14.68 3.96 16.73
N SER B 28 13.83 4.54 15.88
CA SER B 28 12.61 5.19 16.34
C SER B 28 11.44 4.20 16.26
N VAL B 29 11.13 3.55 17.38
CA VAL B 29 10.08 2.53 17.43
C VAL B 29 8.79 3.20 17.85
N SER B 30 7.66 2.67 17.36
CA SER B 30 6.36 3.26 17.64
C SER B 30 5.94 3.01 19.07
N SER B 31 5.08 3.88 19.58
CA SER B 31 4.56 3.74 20.93
C SER B 31 3.56 2.60 21.06
N SER B 32 3.01 2.13 19.95
CA SER B 32 2.02 1.05 19.96
C SER B 32 2.65 -0.33 19.83
N TYR B 33 3.97 -0.41 19.68
CA TYR B 33 4.63 -1.70 19.45
C TYR B 33 5.67 -2.01 20.51
N LEU B 34 5.53 -1.45 21.72
CA LEU B 34 6.48 -1.69 22.80
C LEU B 34 5.71 -2.08 24.05
N HIS B 35 6.10 -3.19 24.65
CA HIS B 35 5.41 -3.74 25.80
C HIS B 35 6.42 -4.11 26.88
N TRP B 36 5.91 -4.41 28.07
CA TRP B 36 6.73 -4.79 29.20
C TRP B 36 6.31 -6.15 29.72
N TYR B 37 7.26 -6.87 30.31
CA TYR B 37 7.00 -8.16 30.91
C TYR B 37 7.61 -8.21 32.30
N GLN B 38 7.26 -9.25 33.05
CA GLN B 38 7.87 -9.53 34.34
C GLN B 38 8.00 -11.03 34.50
N GLN B 39 9.18 -11.48 34.90
CA GLN B 39 9.46 -12.90 35.09
C GLN B 39 10.03 -13.09 36.49
N LYS B 40 9.41 -13.96 37.26
CA LYS B 40 9.87 -14.23 38.62
C LYS B 40 11.04 -15.22 38.59
N SER B 41 11.43 -15.68 39.78
CA SER B 41 12.62 -16.52 39.92
C SER B 41 12.33 -17.92 39.37
N GLY B 42 12.64 -18.13 38.09
CA GLY B 42 12.38 -19.41 37.46
C GLY B 42 10.91 -19.69 37.20
N ALA B 43 10.13 -18.65 36.95
CA ALA B 43 8.69 -18.79 36.71
C ALA B 43 8.38 -18.35 35.29
N SER B 44 7.11 -18.53 34.92
CA SER B 44 6.67 -18.13 33.59
C SER B 44 6.58 -16.61 33.50
N PRO B 45 7.05 -16.02 32.41
CA PRO B 45 6.94 -14.58 32.24
C PRO B 45 5.51 -14.15 31.98
N LYS B 46 5.18 -12.97 32.50
CA LYS B 46 3.83 -12.45 32.45
C LYS B 46 3.86 -11.02 31.93
N LEU B 47 2.89 -10.69 31.09
CA LEU B 47 2.75 -9.33 30.59
C LEU B 47 2.36 -8.41 31.75
N TRP B 48 2.96 -7.23 31.78
CA TRP B 48 2.67 -6.25 32.82
C TRP B 48 2.07 -4.97 32.24
N ILE B 49 2.73 -4.37 31.25
CA ILE B 49 2.24 -3.16 30.59
C ILE B 49 2.36 -3.37 29.09
N TYR B 50 1.26 -3.18 28.37
CA TYR B 50 1.27 -3.25 26.91
C TYR B 50 1.00 -1.87 26.32
N SER B 51 1.66 -1.61 25.17
CA SER B 51 1.55 -0.37 24.40
C SER B 51 1.94 0.86 25.21
N THR B 52 2.88 0.68 26.15
CA THR B 52 3.61 1.70 26.92
C THR B 52 2.75 2.54 27.87
N SER B 53 1.43 2.40 27.84
CA SER B 53 0.59 3.17 28.74
C SER B 53 -0.55 2.37 29.35
N ASN B 54 -0.84 1.18 28.85
CA ASN B 54 -2.01 0.42 29.26
C ASN B 54 -1.58 -0.75 30.12
N LEU B 55 -2.12 -0.81 31.34
CA LEU B 55 -1.81 -1.90 32.25
C LEU B 55 -2.48 -3.18 31.79
N ALA B 56 -1.95 -4.31 32.26
CA ALA B 56 -2.50 -5.60 31.91
C ALA B 56 -3.67 -5.93 32.84
N SER B 57 -4.16 -7.16 32.76
CA SER B 57 -5.26 -7.61 33.59
C SER B 57 -4.72 -8.30 34.83
N GLY B 58 -5.09 -7.79 36.00
CA GLY B 58 -4.66 -8.39 37.25
C GLY B 58 -3.41 -7.80 37.85
N VAL B 59 -3.10 -6.53 37.57
CA VAL B 59 -1.91 -5.90 38.13
C VAL B 59 -2.34 -4.75 39.05
N PRO B 60 -1.55 -4.44 40.08
CA PRO B 60 -1.85 -3.25 40.88
C PRO B 60 -1.65 -1.96 40.10
N ALA B 61 -2.26 -0.89 40.61
CA ALA B 61 -2.32 0.37 39.90
C ALA B 61 -1.13 1.28 40.15
N ARG B 62 -0.07 0.78 40.79
CA ARG B 62 1.08 1.63 41.04
C ARG B 62 1.96 1.81 39.82
N PHE B 63 2.01 0.81 38.94
CA PHE B 63 2.93 0.84 37.82
C PHE B 63 2.38 1.67 36.68
N SER B 64 3.24 2.52 36.10
CA SER B 64 2.86 3.31 34.93
C SER B 64 4.12 3.62 34.15
N GLY B 65 4.03 3.56 32.83
CA GLY B 65 5.16 3.86 31.97
C GLY B 65 4.89 5.00 31.01
N SER B 66 5.96 5.56 30.47
CA SER B 66 5.86 6.67 29.53
C SER B 66 7.08 6.68 28.63
N GLY B 67 7.18 7.69 27.79
CA GLY B 67 8.24 7.83 26.81
C GLY B 67 7.70 7.78 25.39
N SER B 68 8.50 8.32 24.47
CA SER B 68 8.15 8.32 23.06
C SER B 68 9.44 8.37 22.25
N GLY B 69 9.31 8.17 20.94
CA GLY B 69 10.45 8.16 20.06
C GLY B 69 11.32 6.93 20.23
N THR B 70 12.52 7.11 20.76
CA THR B 70 13.47 6.03 20.90
C THR B 70 13.78 5.65 22.34
N SER B 71 13.24 6.37 23.32
CA SER B 71 13.50 6.09 24.74
C SER B 71 12.17 5.99 25.46
N TYR B 72 11.98 4.91 26.21
CA TYR B 72 10.76 4.66 26.95
C TYR B 72 11.09 4.26 28.37
N SER B 73 10.27 4.70 29.31
CA SER B 73 10.57 4.52 30.73
C SER B 73 9.37 3.95 31.44
N LEU B 74 9.60 3.48 32.67
CA LEU B 74 8.55 2.89 33.50
C LEU B 74 8.74 3.40 34.93
N THR B 75 7.64 3.74 35.60
CA THR B 75 7.68 4.34 36.93
C THR B 75 6.79 3.56 37.89
N ILE B 76 7.37 3.14 39.02
CA ILE B 76 6.63 2.49 40.10
C ILE B 76 6.52 3.47 41.25
N SER B 77 5.34 3.55 41.86
CA SER B 77 5.13 4.50 42.96
C SER B 77 5.89 4.08 44.21
N SER B 78 5.62 2.89 44.72
CA SER B 78 6.24 2.43 45.95
C SER B 78 6.73 1.00 45.79
N VAL B 79 7.88 0.71 46.34
CA VAL B 79 8.44 -0.64 46.34
C VAL B 79 7.68 -1.46 47.37
N GLU B 80 7.25 -2.65 46.98
CA GLU B 80 6.53 -3.56 47.84
C GLU B 80 7.37 -4.83 48.03
N ALA B 81 6.76 -5.84 48.65
CA ALA B 81 7.50 -7.03 49.04
C ALA B 81 7.58 -8.09 47.96
N GLU B 82 6.71 -8.06 46.95
CA GLU B 82 6.61 -9.16 46.00
C GLU B 82 7.16 -8.83 44.61
N ASP B 83 7.66 -7.62 44.39
CA ASP B 83 8.06 -7.18 43.05
C ASP B 83 9.56 -7.02 42.91
N ALA B 84 10.33 -7.95 43.46
CA ALA B 84 11.77 -8.00 43.23
C ALA B 84 12.04 -9.14 42.26
N ALA B 85 12.16 -8.81 40.98
CA ALA B 85 12.31 -9.80 39.92
C ALA B 85 12.95 -9.14 38.72
N THR B 86 12.85 -9.79 37.56
CA THR B 86 13.46 -9.34 36.32
C THR B 86 12.44 -8.59 35.48
N TYR B 87 12.94 -7.79 34.53
CA TYR B 87 12.10 -7.01 33.64
C TYR B 87 12.69 -7.08 32.23
N TYR B 88 11.82 -7.10 31.22
CA TYR B 88 12.22 -7.05 29.83
C TYR B 88 11.28 -6.16 29.03
N CYS B 89 11.83 -5.45 28.05
CA CYS B 89 11.04 -4.68 27.10
C CYS B 89 11.18 -5.29 25.71
N GLN B 90 10.09 -5.25 24.96
CA GLN B 90 9.99 -5.86 23.64
C GLN B 90 9.64 -4.78 22.62
N GLN B 91 10.11 -4.96 21.39
CA GLN B 91 9.89 -3.97 20.35
C GLN B 91 9.45 -4.66 19.05
N PHE B 92 8.88 -3.86 18.15
CA PHE B 92 8.63 -4.30 16.78
C PHE B 92 8.60 -3.08 15.88
N SER B 93 9.69 -2.83 15.16
CA SER B 93 9.64 -2.01 13.96
C SER B 93 9.68 -2.84 12.70
N GLY B 94 10.41 -3.96 12.75
CA GLY B 94 10.40 -4.95 11.70
C GLY B 94 10.74 -6.29 12.33
N TYR B 95 10.76 -7.31 11.50
CA TYR B 95 11.21 -8.60 11.97
C TYR B 95 12.73 -8.65 12.00
N PRO B 96 13.34 -9.24 13.04
CA PRO B 96 12.74 -10.02 14.12
C PRO B 96 12.21 -9.20 15.30
N LEU B 97 11.47 -9.85 16.18
CA LEU B 97 11.05 -9.26 17.45
C LEU B 97 12.20 -9.41 18.44
N THR B 98 12.88 -8.32 18.74
CA THR B 98 14.06 -8.35 19.59
C THR B 98 13.71 -7.92 20.99
N PHE B 99 14.32 -8.57 21.98
CA PHE B 99 14.04 -8.29 23.37
C PHE B 99 15.16 -7.47 24.00
N GLY B 100 14.94 -7.06 25.24
CA GLY B 100 15.88 -6.21 25.94
C GLY B 100 16.91 -6.99 26.72
N ALA B 101 17.84 -6.24 27.31
CA ALA B 101 18.94 -6.86 28.05
C ALA B 101 18.45 -7.42 29.39
N GLY B 102 17.74 -6.61 30.16
CA GLY B 102 17.22 -7.07 31.42
C GLY B 102 17.46 -6.12 32.57
N THR B 103 16.47 -5.99 33.47
CA THR B 103 16.57 -5.16 34.66
C THR B 103 16.28 -6.02 35.88
N LYS B 104 17.33 -6.34 36.64
CA LYS B 104 17.21 -7.20 37.81
C LYS B 104 17.08 -6.34 39.05
N LEU B 105 16.10 -6.67 39.88
CA LEU B 105 15.75 -5.86 41.05
C LEU B 105 15.75 -6.75 42.28
N GLU B 106 16.53 -6.37 43.30
CA GLU B 106 16.57 -7.06 44.57
C GLU B 106 16.14 -6.12 45.68
N LEU B 107 15.30 -6.62 46.59
CA LEU B 107 14.83 -5.84 47.73
C LEU B 107 15.97 -5.49 48.68
N LYS B 108 15.75 -4.44 49.45
CA LYS B 108 16.72 -4.03 50.46
C LYS B 108 16.07 -4.00 51.84
N SER C 58 -11.34 29.31 -12.82
CA SER C 58 -10.09 29.09 -13.52
C SER C 58 -9.59 27.67 -13.32
N ARG C 59 -10.29 26.71 -13.95
CA ARG C 59 -9.92 25.31 -13.88
C ARG C 59 -8.99 24.92 -15.03
N SER C 60 -8.69 25.86 -15.93
CA SER C 60 -7.83 25.61 -17.08
C SER C 60 -6.40 25.29 -16.69
N GLU C 61 -5.96 25.66 -15.49
CA GLU C 61 -4.66 25.24 -15.02
C GLU C 61 -4.65 23.79 -14.56
N SER C 62 -5.80 23.24 -14.21
CA SER C 62 -5.88 21.87 -13.75
C SER C 62 -5.99 20.87 -14.89
N SER C 63 -5.88 21.33 -16.13
CA SER C 63 -5.89 20.43 -17.28
C SER C 63 -4.62 19.59 -17.30
N ILE C 64 -4.67 18.48 -18.05
CA ILE C 64 -3.56 17.55 -18.10
C ILE C 64 -2.37 18.18 -18.79
N GLU C 65 -2.61 18.96 -19.84
CA GLU C 65 -1.53 19.61 -20.57
C GLU C 65 -0.82 20.65 -19.71
N ASN C 66 -1.54 21.33 -18.84
CA ASN C 66 -0.91 22.24 -17.90
C ASN C 66 -0.37 21.54 -16.67
N PHE C 67 -0.47 20.21 -16.60
CA PHE C 67 -0.02 19.48 -15.44
C PHE C 67 1.29 18.73 -15.67
N LEU C 68 1.53 18.29 -16.90
CA LEU C 68 2.71 17.49 -17.20
C LEU C 68 3.72 18.16 -18.11
N CYS C 69 3.30 19.14 -18.91
CA CYS C 69 4.20 19.78 -19.88
C CYS C 69 5.13 20.75 -19.14
N ARG C 70 6.09 20.18 -18.44
CA ARG C 70 7.11 20.92 -17.71
C ARG C 70 8.47 20.39 -18.12
N SER C 71 9.50 20.80 -17.38
CA SER C 71 10.86 20.35 -17.64
C SER C 71 11.57 20.04 -16.33
N ALA C 72 12.43 19.03 -16.34
CA ALA C 72 13.11 18.62 -15.13
C ALA C 72 14.43 17.96 -15.48
N CYS C 73 15.47 18.28 -14.71
CA CYS C 73 16.76 17.63 -14.87
C CYS C 73 16.65 16.18 -14.41
N VAL C 74 16.72 15.25 -15.35
CA VAL C 74 16.46 13.86 -15.05
C VAL C 74 17.73 13.01 -15.04
N TYR C 75 18.85 13.54 -15.50
CA TYR C 75 20.10 12.80 -15.44
C TYR C 75 21.26 13.78 -15.40
N TYR C 76 22.40 13.30 -14.90
CA TYR C 76 23.57 14.16 -14.70
C TYR C 76 24.79 13.25 -14.65
N ALA C 77 25.65 13.35 -15.65
CA ALA C 77 26.78 12.44 -15.75
C ALA C 77 28.00 13.17 -16.31
N THR C 78 29.17 12.66 -15.96
CA THR C 78 30.43 13.22 -16.43
C THR C 78 31.15 12.20 -17.30
N TYR C 79 32.11 12.68 -18.08
CA TYR C 79 32.97 11.82 -18.88
C TYR C 79 34.22 12.58 -19.27
N THR C 80 35.36 11.90 -19.24
CA THR C 80 36.63 12.47 -19.62
C THR C 80 37.04 11.92 -20.99
N ASN C 81 37.70 12.76 -21.78
CA ASN C 81 37.98 12.45 -23.18
C ASN C 81 39.10 11.45 -23.36
N ASN C 82 40.03 11.34 -22.43
CA ASN C 82 41.24 10.59 -22.70
C ASN C 82 41.37 9.30 -21.91
N SER C 83 40.42 8.99 -21.03
CA SER C 83 40.59 7.85 -20.13
C SER C 83 40.36 6.50 -20.79
N LYS C 84 39.96 6.48 -22.06
CA LYS C 84 39.58 5.32 -22.86
C LYS C 84 38.38 4.55 -22.30
N LYS C 85 37.67 5.11 -21.31
CA LYS C 85 36.38 4.61 -20.86
C LYS C 85 35.47 5.78 -20.50
N GLY C 86 35.70 6.94 -21.08
CA GLY C 86 34.86 8.08 -20.82
C GLY C 86 33.82 8.33 -21.89
N PHE C 87 32.60 7.90 -21.62
CA PHE C 87 31.44 8.21 -22.44
C PHE C 87 30.20 7.98 -21.59
N ALA C 88 29.24 8.89 -21.69
CA ALA C 88 28.05 8.78 -20.88
C ALA C 88 27.05 7.83 -21.52
N GLU C 89 26.07 7.41 -20.73
CA GLU C 89 25.12 6.39 -21.17
C GLU C 89 23.91 6.44 -20.26
N TRP C 90 22.73 6.67 -20.84
CA TRP C 90 21.52 6.76 -20.03
C TRP C 90 20.39 6.06 -20.76
N VAL C 91 19.78 5.09 -20.10
CA VAL C 91 18.58 4.45 -20.62
C VAL C 91 17.40 5.38 -20.34
N ILE C 92 16.56 5.60 -21.34
CA ILE C 92 15.45 6.52 -21.17
C ILE C 92 14.32 5.82 -20.45
N ASN C 93 13.89 6.41 -19.33
CA ASN C 93 12.72 5.93 -18.60
C ASN C 93 12.16 7.10 -17.81
N THR C 94 11.05 6.85 -17.13
CA THR C 94 10.42 7.88 -16.31
C THR C 94 10.64 7.68 -14.83
N ARG C 95 11.11 6.50 -14.41
CA ARG C 95 11.18 6.16 -13.00
C ARG C 95 12.49 6.60 -12.36
N GLN C 96 13.18 7.59 -12.93
CA GLN C 96 14.48 7.97 -12.42
C GLN C 96 14.34 8.89 -11.20
N VAL C 97 13.80 10.06 -11.39
CA VAL C 97 13.62 11.00 -10.29
C VAL C 97 12.24 10.78 -9.71
N ALA C 98 12.11 11.03 -8.41
CA ALA C 98 10.87 10.69 -7.71
C ALA C 98 9.72 11.63 -8.06
N GLN C 99 10.00 12.92 -8.20
CA GLN C 99 8.93 13.90 -8.36
C GLN C 99 8.24 13.78 -9.72
N LEU C 100 9.00 13.47 -10.77
CA LEU C 100 8.36 13.21 -12.05
C LEU C 100 7.67 11.86 -12.05
N ARG C 101 8.14 10.93 -11.22
CA ARG C 101 7.52 9.62 -11.18
C ARG C 101 6.15 9.67 -10.55
N ARG C 102 6.02 10.35 -9.41
CA ARG C 102 4.76 10.33 -8.67
C ARG C 102 3.67 11.09 -9.41
N LYS C 103 4.01 12.11 -10.17
CA LYS C 103 3.00 12.74 -11.00
C LYS C 103 2.64 11.91 -12.22
N LEU C 104 3.48 10.96 -12.61
CA LEU C 104 3.21 10.16 -13.79
C LEU C 104 2.58 8.82 -13.48
N GLU C 105 2.67 8.32 -12.25
CA GLU C 105 1.95 7.12 -11.88
C GLU C 105 0.57 7.43 -11.32
N LEU C 106 0.08 8.65 -11.51
CA LEU C 106 -1.31 8.90 -11.20
C LEU C 106 -2.22 8.29 -12.26
N PHE C 107 -1.71 8.06 -13.47
CA PHE C 107 -2.47 7.43 -14.52
C PHE C 107 -1.82 6.12 -14.92
N THR C 108 -2.53 5.33 -15.70
CA THR C 108 -2.06 4.02 -16.10
C THR C 108 -1.46 4.02 -17.51
N TYR C 109 -2.21 4.46 -18.51
CA TYR C 109 -1.71 4.49 -19.87
C TYR C 109 -1.52 5.92 -20.33
N LEU C 110 -0.32 6.22 -20.81
CA LEU C 110 0.01 7.53 -21.34
C LEU C 110 0.41 7.40 -22.80
N ARG C 111 0.39 8.54 -23.49
CA ARG C 111 0.87 8.60 -24.87
C ARG C 111 1.35 10.02 -25.11
N PHE C 112 2.64 10.18 -25.33
CA PHE C 112 3.20 11.52 -25.46
C PHE C 112 4.34 11.50 -26.45
N ASP C 113 4.62 12.66 -27.02
CA ASP C 113 5.86 12.83 -27.75
C ASP C 113 6.93 13.32 -26.77
N LEU C 114 8.18 13.40 -27.22
CA LEU C 114 9.25 13.68 -26.29
C LEU C 114 10.12 14.82 -26.80
N GLU C 115 10.66 15.58 -25.85
CA GLU C 115 11.52 16.73 -26.15
C GLU C 115 12.74 16.65 -25.26
N LEU C 116 13.92 16.71 -25.86
CA LEU C 116 15.16 16.55 -25.14
C LEU C 116 16.04 17.77 -25.37
N THR C 117 16.71 18.22 -24.32
CA THR C 117 17.61 19.36 -24.40
C THR C 117 18.76 19.11 -23.44
N PHE C 118 19.98 19.29 -23.92
CA PHE C 118 21.17 19.02 -23.14
C PHE C 118 21.93 20.30 -22.92
N VAL C 119 22.44 20.50 -21.71
CA VAL C 119 23.27 21.67 -21.44
C VAL C 119 24.69 21.25 -21.12
N ILE C 120 25.52 21.18 -22.15
CA ILE C 120 26.86 20.65 -22.06
C ILE C 120 27.82 21.74 -21.64
N THR C 121 28.56 21.52 -20.58
CA THR C 121 29.62 22.42 -20.17
C THR C 121 30.89 21.62 -19.92
N SER C 122 32.01 22.31 -19.91
CA SER C 122 33.32 21.67 -19.83
C SER C 122 34.08 22.21 -18.63
N ALA C 123 35.22 21.59 -18.37
CA ALA C 123 36.09 21.99 -17.26
C ALA C 123 37.48 21.45 -17.56
N GLN C 124 38.50 22.22 -17.18
CA GLN C 124 39.87 21.82 -17.46
C GLN C 124 40.40 20.94 -16.34
N GLN C 125 40.91 19.77 -16.71
CA GLN C 125 41.59 18.91 -15.76
C GLN C 125 43.03 19.38 -15.57
N PRO C 126 43.63 19.11 -14.40
CA PRO C 126 45.01 19.57 -14.17
C PRO C 126 46.03 18.85 -15.04
N SER C 127 46.56 19.57 -16.02
CA SER C 127 47.56 19.03 -16.93
C SER C 127 48.94 19.19 -16.30
N THR C 128 49.99 18.94 -17.09
CA THR C 128 51.33 19.05 -16.53
C THR C 128 51.83 20.49 -16.55
N ALA C 129 52.08 21.03 -17.74
CA ALA C 129 52.79 22.29 -17.91
C ALA C 129 52.75 22.70 -19.37
N SER C 130 53.56 23.72 -19.70
CA SER C 130 54.00 24.09 -21.05
C SER C 130 52.85 24.58 -21.93
N SER C 131 52.16 25.61 -21.45
CA SER C 131 51.34 26.52 -22.24
C SER C 131 50.20 25.81 -22.96
N VAL C 132 49.28 25.28 -22.17
CA VAL C 132 48.17 24.52 -22.71
C VAL C 132 47.18 25.47 -23.39
N ASP C 133 46.77 25.11 -24.60
CA ASP C 133 45.80 25.90 -25.36
C ASP C 133 45.06 24.94 -26.27
N ALA C 134 43.75 25.13 -26.39
CA ALA C 134 42.91 24.22 -27.13
C ALA C 134 41.91 24.99 -27.97
N PRO C 135 41.47 24.41 -29.08
CA PRO C 135 40.33 24.97 -29.81
C PRO C 135 39.02 24.59 -29.16
N VAL C 136 37.90 24.92 -29.80
CA VAL C 136 36.59 24.63 -29.22
C VAL C 136 36.33 23.13 -29.24
N GLN C 137 35.48 22.69 -28.32
CA GLN C 137 35.16 21.28 -28.24
C GLN C 137 33.86 20.98 -28.98
N THR C 138 33.74 19.75 -29.44
CA THR C 138 32.60 19.31 -30.23
C THR C 138 32.09 18.00 -29.66
N HIS C 139 30.88 18.01 -29.15
CA HIS C 139 30.31 16.85 -28.51
C HIS C 139 29.33 16.17 -29.46
N GLN C 140 29.39 14.85 -29.51
CA GLN C 140 28.49 14.06 -30.35
C GLN C 140 27.54 13.30 -29.45
N ILE C 141 26.24 13.48 -29.68
CA ILE C 141 25.21 12.90 -28.83
C ILE C 141 24.44 11.91 -29.68
N MET C 142 24.76 10.63 -29.54
CA MET C 142 24.11 9.60 -30.34
C MET C 142 22.83 9.14 -29.67
N TYR C 143 21.90 8.69 -30.50
CA TYR C 143 20.65 8.12 -30.03
C TYR C 143 20.50 6.74 -30.65
N VAL C 144 19.99 5.79 -29.88
CA VAL C 144 19.79 4.43 -30.35
C VAL C 144 18.31 4.10 -30.22
N PRO C 145 17.63 3.75 -31.31
CA PRO C 145 16.24 3.33 -31.20
C PRO C 145 16.15 1.95 -30.56
N PRO C 146 14.98 1.55 -30.06
CA PRO C 146 14.87 0.21 -29.45
C PRO C 146 15.09 -0.91 -30.46
N GLY C 147 16.09 -1.73 -30.22
CA GLY C 147 16.45 -2.75 -31.17
C GLY C 147 17.51 -2.29 -32.14
N GLY C 148 18.63 -1.79 -31.61
CA GLY C 148 19.73 -1.40 -32.44
C GLY C 148 21.05 -1.87 -31.86
N PRO C 149 22.16 -1.47 -32.47
CA PRO C 149 23.47 -1.81 -31.91
C PRO C 149 23.77 -0.99 -30.67
N VAL C 150 24.89 -1.34 -30.04
CA VAL C 150 25.26 -0.72 -28.77
C VAL C 150 26.77 -0.49 -28.76
N PRO C 151 27.24 0.64 -28.24
CA PRO C 151 28.68 0.85 -28.14
C PRO C 151 29.22 0.44 -26.78
N THR C 152 30.38 -0.20 -26.80
CA THR C 152 31.05 -0.62 -25.58
C THR C 152 32.38 0.06 -25.34
N LYS C 153 33.02 0.63 -26.36
CA LYS C 153 34.24 1.39 -26.20
C LYS C 153 34.04 2.76 -26.82
N VAL C 154 35.03 3.63 -26.64
CA VAL C 154 34.95 4.96 -27.24
C VAL C 154 35.14 4.84 -28.75
N LYS C 155 36.30 4.37 -29.18
CA LYS C 155 36.58 4.16 -30.59
C LYS C 155 35.98 2.82 -30.99
N ASP C 156 34.84 2.87 -31.67
CA ASP C 156 34.10 1.65 -32.00
C ASP C 156 33.33 1.87 -33.29
N TYR C 157 32.97 0.76 -33.94
CA TYR C 157 32.15 0.83 -35.14
C TYR C 157 30.75 1.36 -34.86
N ALA C 158 30.22 1.08 -33.66
CA ALA C 158 28.82 1.35 -33.36
C ALA C 158 28.46 2.83 -33.38
N TRP C 159 29.45 3.72 -33.28
CA TRP C 159 29.16 5.14 -33.39
C TRP C 159 28.95 5.54 -34.84
N GLN C 160 29.65 4.89 -35.77
CA GLN C 160 29.62 5.27 -37.18
C GLN C 160 28.55 4.55 -37.96
N THR C 161 27.46 4.13 -37.33
CA THR C 161 26.45 3.34 -38.03
C THR C 161 25.52 4.25 -38.81
N SER C 162 24.55 3.64 -39.48
CA SER C 162 23.75 4.32 -40.48
C SER C 162 22.46 4.91 -39.95
N THR C 163 21.67 4.13 -39.22
CA THR C 163 20.32 4.53 -38.83
C THR C 163 20.22 4.90 -37.36
N ASN C 164 21.33 5.30 -36.74
CA ASN C 164 21.26 5.85 -35.40
C ASN C 164 21.45 7.36 -35.51
N PRO C 165 20.39 8.15 -35.42
CA PRO C 165 20.53 9.60 -35.65
C PRO C 165 21.25 10.28 -34.49
N SER C 166 22.23 11.10 -34.82
CA SER C 166 23.07 11.73 -33.84
C SER C 166 23.27 13.20 -34.20
N VAL C 167 23.41 14.03 -33.18
CA VAL C 167 23.63 15.45 -33.38
C VAL C 167 25.09 15.75 -33.14
N PHE C 168 25.54 16.90 -33.60
CA PHE C 168 26.91 17.36 -33.40
C PHE C 168 26.87 18.81 -32.97
N TRP C 169 27.36 19.07 -31.76
CA TRP C 169 27.19 20.38 -31.14
C TRP C 169 28.53 20.88 -30.68
N THR C 170 28.90 22.07 -31.12
CA THR C 170 30.11 22.70 -30.62
C THR C 170 29.77 23.65 -29.48
N GLU C 171 30.77 23.98 -28.68
CA GLU C 171 30.56 24.86 -27.55
C GLU C 171 30.36 26.29 -28.03
N GLY C 172 29.86 27.14 -27.13
CA GLY C 172 29.64 28.53 -27.44
C GLY C 172 28.41 28.82 -28.27
N ASN C 173 27.48 27.89 -28.37
CA ASN C 173 26.28 28.09 -29.16
C ASN C 173 25.05 27.84 -28.31
N ALA C 174 23.89 27.79 -28.94
CA ALA C 174 22.69 27.40 -28.23
C ALA C 174 22.73 25.91 -27.91
N PRO C 175 22.06 25.48 -26.84
CA PRO C 175 22.09 24.06 -26.48
C PRO C 175 21.32 23.22 -27.48
N PRO C 176 21.77 21.97 -27.72
CA PRO C 176 21.24 21.18 -28.84
C PRO C 176 19.95 20.42 -28.59
N ARG C 177 18.81 21.06 -28.80
CA ARG C 177 17.53 20.38 -28.65
C ARG C 177 17.31 19.36 -29.76
N MET C 178 16.72 18.24 -29.40
CA MET C 178 16.22 17.25 -30.35
C MET C 178 14.93 16.67 -29.79
N SER C 179 14.16 16.00 -30.65
CA SER C 179 12.87 15.47 -30.23
C SER C 179 12.64 14.08 -30.79
N ILE C 180 12.14 13.19 -29.95
CA ILE C 180 11.85 11.81 -30.29
C ILE C 180 10.35 11.65 -30.36
N PRO C 181 9.80 11.09 -31.42
CA PRO C 181 8.35 10.87 -31.49
C PRO C 181 7.97 9.63 -30.69
N PHE C 182 6.68 9.31 -30.73
CA PHE C 182 6.12 8.24 -29.92
C PHE C 182 6.49 6.89 -30.55
N ILE C 183 7.41 6.17 -29.92
CA ILE C 183 8.03 4.99 -30.51
C ILE C 183 7.63 3.75 -29.71
N SER C 184 6.55 3.11 -30.11
CA SER C 184 6.17 1.84 -29.50
C SER C 184 5.31 1.06 -30.47
N ILE C 185 5.46 -0.26 -30.45
CA ILE C 185 4.65 -1.12 -31.30
C ILE C 185 3.19 -1.09 -30.86
N GLY C 186 2.96 -1.14 -29.56
CA GLY C 186 1.62 -0.99 -29.04
C GLY C 186 1.09 0.42 -29.17
N ASN C 187 -0.11 0.63 -28.62
CA ASN C 187 -0.77 1.90 -28.83
C ASN C 187 -0.49 2.93 -27.75
N ALA C 188 0.07 2.55 -26.62
CA ALA C 188 0.30 3.51 -25.56
C ALA C 188 1.43 3.01 -24.67
N TYR C 189 2.08 3.95 -23.98
CA TYR C 189 3.01 3.55 -22.94
C TYR C 189 2.24 3.04 -21.73
N SER C 190 2.75 1.98 -21.14
CA SER C 190 2.09 1.31 -20.02
C SER C 190 2.90 1.57 -18.76
N CYS C 191 2.36 2.40 -17.87
CA CYS C 191 3.08 2.71 -16.64
C CYS C 191 3.01 1.57 -15.63
N PHE C 192 2.10 0.63 -15.78
CA PHE C 192 2.01 -0.51 -14.89
C PHE C 192 1.76 -1.77 -15.72
N TYR C 193 2.17 -2.90 -15.17
CA TYR C 193 2.06 -4.17 -15.88
C TYR C 193 2.06 -5.30 -14.87
N ASP C 194 0.94 -6.01 -14.78
CA ASP C 194 0.85 -7.17 -13.89
C ASP C 194 0.90 -8.42 -14.75
N GLY C 195 2.10 -8.89 -15.03
CA GLY C 195 2.29 -10.09 -15.81
C GLY C 195 3.75 -10.29 -16.13
N TRP C 196 4.10 -11.40 -16.75
CA TRP C 196 5.50 -11.64 -17.07
C TRP C 196 5.81 -11.05 -18.43
N THR C 197 7.08 -11.15 -18.82
CA THR C 197 7.53 -10.57 -20.08
C THR C 197 7.07 -11.39 -21.27
N VAL C 204 10.63 -13.08 -16.29
CA VAL C 204 10.82 -11.98 -15.34
C VAL C 204 9.50 -11.24 -15.17
N TYR C 205 9.22 -10.78 -13.96
CA TYR C 205 7.92 -10.24 -13.60
C TYR C 205 7.94 -8.73 -13.59
N GLY C 206 6.92 -8.13 -14.22
CA GLY C 206 6.76 -6.70 -14.21
C GLY C 206 7.82 -5.94 -14.97
N ILE C 207 8.08 -6.34 -16.21
CA ILE C 207 9.05 -5.67 -17.06
C ILE C 207 8.37 -4.99 -18.24
N ASN C 208 7.56 -5.74 -19.00
CA ASN C 208 6.78 -5.25 -20.14
C ASN C 208 7.69 -4.60 -21.20
N THR C 209 8.42 -5.45 -21.90
CA THR C 209 9.38 -5.00 -22.91
C THR C 209 8.75 -4.25 -24.12
N LEU C 210 7.46 -3.95 -24.16
CA LEU C 210 6.88 -3.15 -25.24
C LEU C 210 7.33 -1.70 -25.17
N ASN C 211 7.23 -1.06 -24.01
CA ASN C 211 7.53 0.38 -23.93
C ASN C 211 9.00 0.56 -23.55
N ASN C 212 9.87 0.38 -24.54
CA ASN C 212 11.30 0.61 -24.38
C ASN C 212 11.68 1.72 -25.34
N MET C 213 12.22 2.81 -24.81
CA MET C 213 12.37 4.03 -25.60
C MET C 213 13.78 4.31 -26.08
N GLY C 214 14.73 3.44 -25.80
CA GLY C 214 16.08 3.57 -26.33
C GLY C 214 17.00 4.31 -25.39
N THR C 215 18.24 4.45 -25.84
CA THR C 215 19.31 4.99 -25.01
C THR C 215 19.97 6.19 -25.69
N LEU C 216 20.87 6.84 -24.96
CA LEU C 216 21.63 7.97 -25.44
C LEU C 216 23.11 7.74 -25.19
N TYR C 217 23.96 8.36 -26.00
CA TYR C 217 25.40 8.16 -25.91
C TYR C 217 26.12 9.44 -26.28
N MET C 218 27.06 9.85 -25.43
CA MET C 218 27.78 11.10 -25.60
C MET C 218 29.28 10.86 -25.50
N ARG C 219 30.05 11.55 -26.34
CA ARG C 219 31.50 11.49 -26.31
C ARG C 219 32.04 12.70 -27.04
N HIS C 220 33.31 12.99 -26.81
CA HIS C 220 33.98 14.01 -27.61
C HIS C 220 34.33 13.45 -28.97
N VAL C 221 34.76 14.33 -29.87
CA VAL C 221 35.32 13.88 -31.13
C VAL C 221 36.71 14.48 -31.29
N ASN C 222 37.07 15.40 -30.40
CA ASN C 222 38.37 16.04 -30.42
C ASN C 222 39.35 15.22 -29.61
N GLU C 223 40.37 14.69 -30.28
CA GLU C 223 41.42 13.94 -29.61
C GLU C 223 42.27 14.88 -28.78
N ALA C 224 42.68 14.42 -27.60
CA ALA C 224 43.40 15.27 -26.67
C ALA C 224 44.81 15.55 -27.17
N GLY C 225 45.22 16.80 -27.13
CA GLY C 225 46.56 17.12 -27.56
C GLY C 225 47.53 17.42 -26.44
N GLN C 226 47.12 18.24 -25.47
CA GLN C 226 48.01 18.62 -24.38
C GLN C 226 47.37 18.55 -23.00
N GLY C 227 46.07 18.74 -22.87
CA GLY C 227 45.44 18.78 -21.58
C GLY C 227 44.11 18.06 -21.59
N PRO C 228 43.91 17.15 -20.63
CA PRO C 228 42.64 16.42 -20.59
C PRO C 228 41.50 17.33 -20.17
N ILE C 229 40.32 17.02 -20.69
CA ILE C 229 39.13 17.81 -20.41
C ILE C 229 38.00 16.85 -20.05
N LYS C 230 37.41 17.03 -18.89
CA LYS C 230 36.19 16.32 -18.53
C LYS C 230 35.01 17.28 -18.64
N SER C 231 33.84 16.73 -18.90
CA SER C 231 32.68 17.53 -19.19
C SER C 231 31.45 16.86 -18.60
N THR C 232 30.51 17.69 -18.15
CA THR C 232 29.27 17.20 -17.59
C THR C 232 28.16 17.43 -18.59
N VAL C 233 26.99 16.88 -18.29
CA VAL C 233 25.82 17.01 -19.14
C VAL C 233 24.59 16.82 -18.27
N ARG C 234 23.58 17.67 -18.48
CA ARG C 234 22.34 17.61 -17.71
C ARG C 234 21.20 17.46 -18.70
N ILE C 235 20.73 16.23 -18.87
CA ILE C 235 19.70 15.94 -19.86
C ILE C 235 18.36 16.41 -19.34
N TYR C 236 17.67 17.23 -20.13
CA TYR C 236 16.36 17.72 -19.76
C TYR C 236 15.30 16.94 -20.52
N PHE C 237 14.04 17.23 -20.20
CA PHE C 237 12.97 16.28 -20.47
C PHE C 237 11.65 17.01 -20.48
N LYS C 238 10.85 16.82 -21.52
CA LYS C 238 9.60 17.55 -21.60
C LYS C 238 8.57 16.81 -22.44
N PRO C 239 7.54 16.24 -21.83
CA PRO C 239 6.47 15.62 -22.62
C PRO C 239 5.63 16.67 -23.31
N LYS C 240 5.08 16.29 -24.46
CA LYS C 240 4.21 17.18 -25.22
C LYS C 240 3.06 16.36 -25.79
N HIS C 241 1.89 16.99 -25.88
CA HIS C 241 0.66 16.42 -26.44
C HIS C 241 0.26 15.14 -25.70
N VAL C 242 0.05 15.28 -24.42
CA VAL C 242 -0.15 14.14 -23.54
C VAL C 242 -1.62 13.75 -23.52
N LYS C 243 -1.89 12.45 -23.57
CA LYS C 243 -3.22 11.90 -23.38
C LYS C 243 -3.15 10.83 -22.31
N ALA C 244 -4.06 10.89 -21.35
CA ALA C 244 -4.03 9.99 -20.21
C ALA C 244 -5.25 9.10 -20.18
N TRP C 245 -5.13 7.99 -19.46
CA TRP C 245 -6.18 7.00 -19.37
C TRP C 245 -6.08 6.28 -18.04
N VAL C 246 -7.25 5.91 -17.49
CA VAL C 246 -7.42 5.05 -16.31
C VAL C 246 -6.66 5.61 -15.10
N PRO C 247 -7.20 6.60 -14.40
CA PRO C 247 -6.51 7.19 -13.25
C PRO C 247 -6.34 6.20 -12.11
N ARG C 248 -5.34 6.46 -11.27
CA ARG C 248 -4.85 5.58 -10.22
C ARG C 248 -4.67 6.38 -8.94
N PRO C 249 -4.93 5.79 -7.78
CA PRO C 249 -4.74 6.52 -6.52
C PRO C 249 -3.26 6.72 -6.24
N PRO C 250 -2.90 7.79 -5.53
CA PRO C 250 -1.48 8.18 -5.44
C PRO C 250 -0.70 7.29 -4.50
N ARG C 251 0.55 7.04 -4.87
CA ARG C 251 1.41 6.14 -4.11
C ARG C 251 1.81 6.77 -2.78
N LEU C 252 1.41 6.12 -1.70
CA LEU C 252 1.58 6.64 -0.35
C LEU C 252 2.94 6.29 0.24
N CYS C 253 3.36 5.03 0.10
CA CYS C 253 4.63 4.60 0.65
C CYS C 253 5.80 5.14 -0.18
N GLN C 254 7.01 4.87 0.28
CA GLN C 254 8.18 5.39 -0.38
C GLN C 254 8.54 4.57 -1.62
N TYR C 255 9.64 4.95 -2.26
CA TYR C 255 10.17 4.24 -3.42
C TYR C 255 11.51 3.63 -3.03
N GLU C 256 11.74 2.39 -3.43
CA GLU C 256 13.00 1.74 -3.09
C GLU C 256 13.78 1.27 -4.31
N LYS C 257 13.11 0.61 -5.25
CA LYS C 257 13.77 0.12 -6.45
C LYS C 257 13.31 0.90 -7.66
N GLN C 258 14.13 0.88 -8.71
CA GLN C 258 13.77 1.60 -9.92
C GLN C 258 12.84 0.77 -10.81
N LYS C 259 13.21 -0.48 -11.07
CA LYS C 259 12.52 -1.26 -12.09
C LYS C 259 11.16 -1.76 -11.61
N ASN C 260 10.97 -1.90 -10.31
CA ASN C 260 9.76 -2.51 -9.79
C ASN C 260 9.10 -1.61 -8.75
N VAL C 261 8.11 -2.15 -8.06
CA VAL C 261 7.13 -1.37 -7.32
C VAL C 261 7.17 -1.76 -5.84
N ASN C 262 8.24 -2.44 -5.44
CA ASN C 262 8.37 -2.95 -4.08
C ASN C 262 8.44 -1.81 -3.07
N PHE C 263 8.05 -2.11 -1.83
CA PHE C 263 7.92 -1.08 -0.81
C PHE C 263 8.00 -1.72 0.57
N SER C 264 8.05 -0.86 1.57
CA SER C 264 7.88 -1.25 2.96
C SER C 264 6.55 -0.70 3.47
N PRO C 265 5.82 -1.46 4.29
CA PRO C 265 4.51 -0.99 4.74
C PRO C 265 4.64 0.16 5.71
N ILE C 266 3.68 1.06 5.67
CA ILE C 266 3.73 2.27 6.48
C ILE C 266 2.30 2.62 6.87
N GLY C 267 2.17 3.43 7.91
CA GLY C 267 0.86 3.84 8.36
C GLY C 267 0.15 4.73 7.37
N VAL C 268 -1.15 4.91 7.61
CA VAL C 268 -1.99 5.61 6.63
C VAL C 268 -1.78 7.11 6.71
N THR C 269 -1.86 7.66 7.91
CA THR C 269 -1.86 9.10 8.08
C THR C 269 -1.11 9.45 9.35
N THR C 270 -0.31 10.52 9.28
CA THR C 270 0.32 11.11 10.45
C THR C 270 -0.72 11.43 11.52
N SER C 271 -0.58 10.79 12.67
CA SER C 271 -1.65 10.69 13.63
C SER C 271 -1.75 11.92 14.51
N ARG C 272 -2.96 12.13 15.01
CA ARG C 272 -3.25 13.14 16.02
C ARG C 272 -3.48 12.42 17.34
N THR C 273 -3.54 13.20 18.42
CA THR C 273 -3.49 12.59 19.73
C THR C 273 -4.83 12.00 20.16
N ASP C 274 -5.95 12.45 19.59
CA ASP C 274 -7.25 12.01 20.06
C ASP C 274 -8.27 12.09 18.95
N ILE C 275 -9.43 11.51 19.21
CA ILE C 275 -10.52 11.54 18.26
C ILE C 275 -11.31 12.85 18.34
N ILE C 276 -11.44 13.42 19.53
CA ILE C 276 -12.21 14.63 19.70
C ILE C 276 -11.32 15.85 19.71
N ARG D 14 -34.96 -10.35 -12.98
CA ARG D 14 -35.00 -11.58 -12.21
C ARG D 14 -34.92 -12.82 -13.09
N SER D 15 -34.23 -13.83 -12.58
CA SER D 15 -34.01 -15.14 -13.22
C SER D 15 -33.39 -14.97 -14.61
N ILE D 16 -32.21 -14.40 -14.64
CA ILE D 16 -31.46 -14.27 -15.88
C ILE D 16 -30.91 -15.63 -16.27
N THR D 17 -31.12 -15.99 -17.54
CA THR D 17 -30.64 -17.24 -18.08
C THR D 17 -29.66 -16.99 -19.21
N LEU D 18 -28.66 -17.85 -19.31
CA LEU D 18 -27.58 -17.68 -20.27
C LEU D 18 -26.86 -19.00 -20.43
N GLY D 19 -26.72 -19.47 -21.66
CA GLY D 19 -26.07 -20.74 -21.91
C GLY D 19 -26.91 -21.90 -21.41
N ASN D 20 -26.48 -22.54 -20.34
CA ASN D 20 -27.26 -23.60 -19.73
C ASN D 20 -27.24 -23.48 -18.21
N SER D 21 -26.78 -22.35 -17.69
CA SER D 21 -26.74 -22.10 -16.27
C SER D 21 -27.51 -20.83 -15.97
N THR D 22 -28.29 -20.85 -14.88
CA THR D 22 -29.27 -19.81 -14.62
C THR D 22 -29.23 -19.43 -13.15
N ILE D 23 -29.10 -18.13 -12.87
CA ILE D 23 -29.15 -17.62 -11.51
C ILE D 23 -30.18 -16.49 -11.45
N THR D 24 -30.40 -15.98 -10.25
CA THR D 24 -31.52 -15.08 -9.97
C THR D 24 -31.04 -13.81 -9.29
N THR D 25 -31.44 -12.66 -9.85
CA THR D 25 -31.23 -11.33 -9.28
C THR D 25 -32.59 -10.67 -9.07
N GLN D 26 -32.57 -9.38 -8.73
CA GLN D 26 -33.80 -8.60 -8.57
C GLN D 26 -33.88 -7.46 -9.59
N ASN D 30 -29.17 -2.74 -8.88
CA ASN D 30 -28.46 -1.57 -9.36
C ASN D 30 -27.03 -1.92 -9.77
N VAL D 31 -26.73 -1.76 -11.06
CA VAL D 31 -25.47 -2.21 -11.63
C VAL D 31 -24.63 -1.00 -12.01
N VAL D 32 -23.38 -0.97 -11.55
CA VAL D 32 -22.43 0.06 -11.93
C VAL D 32 -21.61 -0.48 -13.10
N VAL D 33 -21.55 0.30 -14.18
CA VAL D 33 -21.01 -0.17 -15.45
C VAL D 33 -19.72 0.60 -15.74
N GLY D 34 -18.60 -0.02 -15.40
CA GLY D 34 -17.24 0.32 -15.79
C GLY D 34 -16.84 1.77 -15.84
N TYR D 35 -16.37 2.21 -17.00
CA TYR D 35 -16.10 3.60 -17.26
C TYR D 35 -17.10 4.21 -18.23
N GLY D 36 -18.34 3.73 -18.20
CA GLY D 36 -19.43 4.31 -18.96
C GLY D 36 -19.78 3.56 -20.23
N VAL D 37 -18.87 2.77 -20.78
CA VAL D 37 -19.07 2.16 -22.08
C VAL D 37 -19.49 0.70 -21.90
N TRP D 38 -20.48 0.28 -22.69
CA TRP D 38 -20.87 -1.11 -22.69
C TRP D 38 -19.89 -1.94 -23.51
N PRO D 39 -19.57 -3.15 -23.05
CA PRO D 39 -18.60 -3.98 -23.78
C PRO D 39 -19.16 -4.47 -25.11
N GLU D 40 -18.38 -4.27 -26.16
CA GLU D 40 -18.76 -4.68 -27.51
C GLU D 40 -17.53 -5.26 -28.20
N TYR D 41 -17.78 -5.88 -29.36
CA TYR D 41 -16.71 -6.48 -30.14
C TYR D 41 -15.98 -5.40 -30.94
N LEU D 42 -15.14 -5.83 -31.88
CA LEU D 42 -14.41 -4.91 -32.74
C LEU D 42 -15.32 -4.21 -33.75
N ASP D 51 -4.65 -10.89 -39.11
CA ASP D 51 -5.44 -12.08 -39.39
C ASP D 51 -6.90 -11.90 -38.99
N GLN D 52 -7.67 -12.99 -39.07
CA GLN D 52 -9.10 -12.92 -38.79
C GLN D 52 -9.43 -13.55 -37.45
N PRO D 53 -10.05 -12.81 -36.54
CA PRO D 53 -10.46 -13.41 -35.26
C PRO D 53 -11.84 -14.02 -35.30
N THR D 54 -12.12 -14.99 -34.44
CA THR D 54 -13.41 -15.65 -34.35
C THR D 54 -14.12 -15.25 -33.06
N GLN D 55 -15.45 -15.32 -33.08
CA GLN D 55 -16.27 -14.89 -31.96
C GLN D 55 -17.17 -16.01 -31.45
N PRO D 56 -16.64 -16.90 -30.59
CA PRO D 56 -17.45 -18.03 -30.13
C PRO D 56 -18.41 -17.65 -29.01
N ASP D 57 -19.65 -18.12 -29.16
CA ASP D 57 -20.75 -17.71 -28.30
C ASP D 57 -21.50 -18.87 -27.66
N VAL D 58 -21.60 -20.01 -28.33
CA VAL D 58 -22.47 -21.07 -27.85
C VAL D 58 -21.85 -21.92 -26.74
N ALA D 59 -20.52 -21.96 -26.63
CA ALA D 59 -19.87 -22.86 -25.70
C ALA D 59 -19.21 -22.17 -24.52
N THR D 60 -19.20 -20.83 -24.48
CA THR D 60 -18.46 -20.11 -23.46
C THR D 60 -19.32 -19.24 -22.56
N CYS D 61 -20.35 -18.60 -23.10
CA CYS D 61 -21.15 -17.63 -22.34
C CYS D 61 -22.03 -18.40 -21.35
N ARG D 62 -21.47 -18.61 -20.17
CA ARG D 62 -22.22 -19.20 -19.08
C ARG D 62 -21.69 -18.65 -17.77
N PHE D 63 -22.52 -18.69 -16.75
CA PHE D 63 -22.17 -18.15 -15.45
C PHE D 63 -21.31 -19.17 -14.71
N TYR D 64 -20.01 -18.99 -14.75
CA TYR D 64 -19.10 -19.84 -13.98
C TYR D 64 -19.15 -19.40 -12.53
N THR D 65 -19.78 -20.19 -11.68
CA THR D 65 -19.88 -19.86 -10.27
C THR D 65 -18.65 -20.38 -9.54
N LEU D 66 -17.84 -19.48 -9.00
CA LEU D 66 -16.68 -19.87 -8.23
C LEU D 66 -17.11 -20.45 -6.89
N GLU D 67 -16.16 -21.06 -6.20
CA GLU D 67 -16.52 -21.61 -4.90
C GLU D 67 -16.52 -20.50 -3.86
N SER D 68 -17.30 -20.73 -2.80
CA SER D 68 -17.62 -19.68 -1.86
C SER D 68 -16.59 -19.60 -0.75
N VAL D 69 -16.29 -18.39 -0.32
CA VAL D 69 -15.38 -18.16 0.78
C VAL D 69 -16.19 -17.81 2.02
N GLN D 70 -15.58 -18.03 3.18
CA GLN D 70 -16.24 -17.82 4.45
C GLN D 70 -15.69 -16.57 5.11
N TRP D 71 -16.57 -15.68 5.51
CA TRP D 71 -16.20 -14.41 6.12
C TRP D 71 -16.28 -14.59 7.63
N MET D 72 -15.14 -14.74 8.28
CA MET D 72 -15.09 -14.90 9.71
C MET D 72 -15.14 -13.53 10.37
N LYS D 73 -14.93 -13.49 11.69
CA LYS D 73 -14.97 -12.21 12.40
C LYS D 73 -13.75 -11.37 12.08
N ASN D 74 -12.56 -11.90 12.33
CA ASN D 74 -11.32 -11.17 12.11
C ASN D 74 -10.72 -11.44 10.74
N SER D 75 -11.52 -11.30 9.69
CA SER D 75 -11.03 -11.61 8.36
C SER D 75 -10.22 -10.44 7.82
N ALA D 76 -9.59 -10.65 6.68
CA ALA D 76 -8.73 -9.63 6.11
C ALA D 76 -9.15 -9.16 4.73
N GLY D 77 -9.39 -10.08 3.81
CA GLY D 77 -9.74 -9.70 2.44
C GLY D 77 -9.21 -10.71 1.45
N TRP D 78 -9.82 -10.72 0.27
CA TRP D 78 -9.49 -11.71 -0.74
C TRP D 78 -9.34 -11.04 -2.10
N TRP D 79 -8.67 -11.75 -3.01
CA TRP D 79 -8.54 -11.27 -4.38
C TRP D 79 -8.54 -12.43 -5.35
N TRP D 80 -9.01 -12.17 -6.57
CA TRP D 80 -8.91 -13.12 -7.67
C TRP D 80 -8.36 -12.41 -8.89
N LYS D 81 -7.40 -13.03 -9.57
CA LYS D 81 -6.94 -12.53 -10.85
C LYS D 81 -7.89 -13.04 -11.92
N LEU D 82 -8.32 -12.15 -12.81
CA LEU D 82 -9.50 -12.50 -13.58
C LEU D 82 -9.27 -13.42 -14.79
N PRO D 83 -8.27 -13.22 -15.69
CA PRO D 83 -8.04 -14.27 -16.69
C PRO D 83 -7.09 -15.34 -16.20
N ASP D 84 -7.24 -15.74 -14.94
CA ASP D 84 -6.50 -16.84 -14.35
C ASP D 84 -7.37 -17.81 -13.57
N ALA D 85 -8.44 -17.35 -12.91
CA ALA D 85 -9.33 -18.27 -12.22
C ALA D 85 -10.22 -19.02 -13.19
N LEU D 86 -10.35 -18.55 -14.42
CA LEU D 86 -11.09 -19.25 -15.45
C LEU D 86 -10.18 -20.10 -16.33
N SER D 87 -9.03 -20.53 -15.80
CA SER D 87 -8.11 -21.34 -16.58
C SER D 87 -8.37 -22.83 -16.43
N GLN D 88 -9.13 -23.24 -15.42
CA GLN D 88 -9.52 -24.64 -15.29
C GLN D 88 -11.00 -24.85 -15.51
N MET D 89 -11.76 -23.77 -15.73
CA MET D 89 -13.21 -23.85 -15.77
C MET D 89 -13.66 -24.35 -17.14
N GLY D 90 -13.46 -25.65 -17.36
CA GLY D 90 -14.13 -26.34 -18.45
C GLY D 90 -13.61 -25.98 -19.83
N LEU D 91 -14.55 -25.56 -20.70
CA LEU D 91 -14.23 -25.25 -22.08
C LEU D 91 -13.38 -24.01 -22.22
N PHE D 92 -13.48 -23.08 -21.26
CA PHE D 92 -12.70 -21.86 -21.34
C PHE D 92 -11.22 -22.12 -21.14
N GLY D 93 -10.87 -23.12 -20.33
CA GLY D 93 -9.47 -23.49 -20.16
C GLY D 93 -8.84 -24.11 -21.39
N GLN D 94 -9.65 -24.60 -22.33
CA GLN D 94 -9.15 -25.03 -23.63
C GLN D 94 -8.97 -23.84 -24.56
N ASN D 95 -9.96 -22.95 -24.61
CA ASN D 95 -9.90 -21.80 -25.49
C ASN D 95 -8.88 -20.77 -25.06
N MET D 96 -8.46 -20.78 -23.80
CA MET D 96 -7.28 -20.00 -23.43
C MET D 96 -5.99 -20.70 -23.85
N GLN D 97 -5.92 -22.02 -23.72
CA GLN D 97 -4.69 -22.75 -24.04
C GLN D 97 -4.49 -22.97 -25.53
N TYR D 98 -5.56 -23.23 -26.27
CA TYR D 98 -5.41 -23.49 -27.70
C TYR D 98 -5.26 -22.14 -28.38
N HIS D 99 -5.94 -21.13 -27.86
CA HIS D 99 -5.75 -19.78 -28.37
C HIS D 99 -5.05 -18.83 -27.40
N TYR D 100 -3.76 -18.61 -27.65
CA TYR D 100 -2.97 -17.76 -26.77
C TYR D 100 -3.46 -16.33 -26.69
N LEU D 101 -3.65 -15.71 -27.85
CA LEU D 101 -4.14 -14.35 -27.90
C LEU D 101 -5.64 -14.37 -27.63
N GLY D 102 -6.19 -13.26 -27.15
CA GLY D 102 -7.60 -13.20 -26.87
C GLY D 102 -7.94 -11.87 -26.24
N ARG D 103 -9.23 -11.58 -26.20
CA ARG D 103 -9.75 -10.36 -25.60
C ARG D 103 -11.21 -10.58 -25.21
N THR D 104 -11.53 -10.28 -23.97
CA THR D 104 -12.85 -10.56 -23.40
C THR D 104 -13.33 -9.37 -22.58
N GLY D 105 -14.64 -9.37 -22.29
CA GLY D 105 -15.22 -8.51 -21.28
C GLY D 105 -15.90 -9.37 -20.22
N TYR D 106 -16.19 -8.75 -19.08
CA TYR D 106 -16.64 -9.51 -17.93
C TYR D 106 -17.89 -8.92 -17.31
N THR D 107 -18.47 -9.70 -16.40
CA THR D 107 -19.68 -9.31 -15.68
C THR D 107 -19.66 -10.10 -14.37
N ILE D 108 -19.59 -9.40 -13.25
CA ILE D 108 -19.36 -10.01 -11.95
C ILE D 108 -20.60 -9.84 -11.10
N HIS D 109 -20.96 -10.87 -10.35
CA HIS D 109 -22.07 -10.82 -9.41
C HIS D 109 -21.55 -11.26 -8.05
N VAL D 110 -21.60 -10.37 -7.08
CA VAL D 110 -21.18 -10.69 -5.72
C VAL D 110 -22.37 -10.44 -4.80
N GLN D 111 -22.76 -11.46 -4.04
CA GLN D 111 -23.85 -11.34 -3.10
C GLN D 111 -23.56 -12.18 -1.88
N CYS D 112 -23.61 -11.58 -0.71
CA CYS D 112 -23.43 -12.28 0.55
C CYS D 112 -24.73 -12.30 1.32
N ASN D 113 -25.11 -13.47 1.80
CA ASN D 113 -26.43 -13.69 2.37
C ASN D 113 -26.33 -13.88 3.88
N ALA D 114 -26.99 -13.00 4.63
CA ALA D 114 -27.07 -13.10 6.07
C ALA D 114 -28.43 -12.63 6.55
N SER D 115 -28.63 -12.71 7.86
CA SER D 115 -29.90 -12.34 8.47
C SER D 115 -29.95 -10.84 8.72
N LYS D 116 -30.93 -10.40 9.48
CA LYS D 116 -31.00 -9.02 9.91
C LYS D 116 -30.23 -8.76 11.20
N PHE D 117 -29.54 -9.76 11.73
CA PHE D 117 -28.78 -9.60 12.96
C PHE D 117 -27.28 -9.60 12.74
N HIS D 118 -26.83 -9.54 11.50
CA HIS D 118 -25.41 -9.36 11.21
C HIS D 118 -25.14 -7.92 10.82
N GLN D 119 -23.87 -7.57 10.79
CA GLN D 119 -23.46 -6.21 10.47
C GLN D 119 -22.07 -6.23 9.89
N GLY D 120 -21.83 -5.35 8.94
CA GLY D 120 -20.52 -5.27 8.31
C GLY D 120 -20.62 -4.55 6.99
N CYS D 121 -19.46 -4.17 6.47
CA CYS D 121 -19.42 -3.47 5.21
C CYS D 121 -18.32 -4.04 4.34
N LEU D 122 -18.64 -4.35 3.10
CA LEU D 122 -17.65 -4.81 2.15
C LEU D 122 -17.38 -3.72 1.12
N LEU D 123 -16.21 -3.82 0.51
CA LEU D 123 -15.85 -2.97 -0.61
C LEU D 123 -15.46 -3.88 -1.75
N VAL D 124 -16.28 -3.92 -2.78
CA VAL D 124 -16.00 -4.73 -3.96
C VAL D 124 -15.47 -3.79 -5.01
N VAL D 125 -14.23 -4.01 -5.45
CA VAL D 125 -13.59 -3.15 -6.41
C VAL D 125 -12.85 -4.03 -7.41
N CYS D 126 -12.75 -3.55 -8.65
CA CYS D 126 -12.16 -4.33 -9.73
C CYS D 126 -11.07 -3.46 -10.38
N VAL D 127 -9.84 -3.65 -9.92
CA VAL D 127 -8.71 -2.81 -10.30
C VAL D 127 -8.06 -3.34 -11.58
N PRO D 128 -7.80 -2.48 -12.57
CA PRO D 128 -6.99 -2.91 -13.71
C PRO D 128 -5.51 -2.66 -13.48
N GLU D 129 -4.68 -3.60 -13.97
CA GLU D 129 -3.21 -3.55 -13.85
C GLU D 129 -2.77 -3.43 -12.40
N ALA D 130 -3.07 -4.48 -11.65
CA ALA D 130 -2.81 -4.50 -10.22
C ALA D 130 -1.46 -5.16 -9.98
N GLU D 131 -0.40 -4.37 -10.04
CA GLU D 131 0.94 -4.89 -9.77
C GLU D 131 1.15 -4.96 -8.27
N MET D 132 1.57 -6.12 -7.78
CA MET D 132 1.83 -6.30 -6.36
C MET D 132 3.32 -6.42 -6.10
N GLY D 133 3.72 -6.05 -4.89
CA GLY D 133 5.13 -6.00 -4.53
C GLY D 133 5.49 -7.16 -3.63
N CYS D 134 6.71 -7.66 -3.78
CA CYS D 134 7.16 -8.80 -3.00
C CYS D 134 7.47 -8.39 -1.57
N SER D 135 7.69 -9.40 -0.73
CA SER D 135 8.12 -9.12 0.64
C SER D 135 9.57 -8.67 0.67
N ASN D 136 10.46 -9.43 0.05
CA ASN D 136 11.85 -9.00 -0.05
C ASN D 136 11.96 -7.88 -1.08
N LEU D 137 12.75 -6.87 -0.75
CA LEU D 137 12.79 -5.66 -1.57
C LEU D 137 13.57 -5.84 -2.87
N ASN D 138 14.32 -6.93 -3.04
CA ASN D 138 15.10 -7.14 -4.23
C ASN D 138 14.52 -8.17 -5.19
N ASN D 139 13.61 -9.01 -4.73
CA ASN D 139 13.06 -10.07 -5.55
C ASN D 139 11.72 -9.66 -6.14
N THR D 140 11.07 -10.62 -6.80
CA THR D 140 9.75 -10.54 -7.36
C THR D 140 8.96 -11.79 -6.99
N PRO D 141 7.66 -11.68 -6.73
CA PRO D 141 6.93 -12.86 -6.26
C PRO D 141 6.68 -13.86 -7.37
N GLU D 142 6.64 -15.14 -6.98
CA GLU D 142 6.47 -16.22 -7.95
C GLU D 142 5.02 -16.31 -8.40
N PHE D 143 4.76 -17.23 -9.34
CA PHE D 143 3.45 -17.28 -9.96
C PHE D 143 2.40 -17.91 -9.06
N SER D 144 2.78 -18.93 -8.30
CA SER D 144 1.81 -19.64 -7.48
C SER D 144 1.38 -18.86 -6.25
N GLU D 145 1.97 -17.70 -6.00
CA GLU D 145 1.54 -16.84 -4.92
C GLU D 145 0.64 -15.71 -5.40
N LEU D 146 0.80 -15.24 -6.63
CA LEU D 146 0.00 -14.12 -7.10
C LEU D 146 -1.41 -14.54 -7.45
N SER D 147 -1.59 -15.76 -7.94
CA SER D 147 -2.91 -16.20 -8.37
C SER D 147 -3.09 -17.66 -8.02
N GLY D 148 -3.93 -17.94 -7.02
CA GLY D 148 -4.42 -19.28 -6.83
C GLY D 148 -5.39 -19.61 -7.94
N GLY D 149 -5.19 -20.76 -8.56
CA GLY D 149 -6.09 -21.22 -9.59
C GLY D 149 -7.47 -21.51 -9.04
N ASP D 150 -8.46 -20.72 -9.50
CA ASP D 150 -9.87 -20.66 -9.07
C ASP D 150 -10.05 -20.77 -7.56
N SER D 151 -9.17 -20.13 -6.80
CA SER D 151 -9.25 -20.12 -5.35
C SER D 151 -8.82 -18.75 -4.88
N ALA D 152 -9.38 -18.31 -3.77
CA ALA D 152 -9.11 -16.97 -3.27
C ALA D 152 -7.80 -16.94 -2.50
N ARG D 153 -6.86 -16.14 -2.97
CA ARG D 153 -5.77 -15.77 -2.09
C ARG D 153 -6.31 -14.80 -1.02
N MET D 154 -5.63 -14.76 0.12
CA MET D 154 -6.12 -14.00 1.25
C MET D 154 -5.10 -12.95 1.66
N PHE D 155 -5.60 -11.78 2.02
CA PHE D 155 -4.77 -10.78 2.66
C PHE D 155 -4.44 -11.20 4.08
N THR D 156 -3.50 -10.50 4.69
CA THR D 156 -3.21 -10.67 6.10
C THR D 156 -3.47 -9.37 6.82
N ASP D 157 -3.57 -9.44 8.14
CA ASP D 157 -3.75 -8.26 8.95
C ASP D 157 -2.46 -7.82 9.63
N THR D 158 -1.36 -8.53 9.40
CA THR D 158 -0.04 -8.14 9.88
C THR D 158 0.88 -7.93 8.71
N GLN D 159 2.16 -7.73 9.00
CA GLN D 159 3.14 -7.64 7.94
C GLN D 159 3.69 -9.02 7.60
N VAL D 160 3.97 -9.21 6.32
CA VAL D 160 4.64 -10.41 5.85
C VAL D 160 6.12 -10.22 6.14
N GLY D 161 6.80 -11.30 6.55
CA GLY D 161 8.16 -11.19 7.01
C GLY D 161 9.14 -10.82 5.91
N GLU D 162 10.37 -10.56 6.34
CA GLU D 162 11.45 -10.25 5.42
C GLU D 162 12.30 -11.45 5.10
N SER D 163 12.39 -12.41 6.03
CA SER D 163 13.31 -13.52 5.87
C SER D 163 12.85 -14.54 4.84
N ASN D 164 11.61 -14.46 4.37
CA ASN D 164 11.16 -15.38 3.33
C ASN D 164 11.66 -14.90 1.97
N ALA D 165 11.74 -15.85 1.03
CA ALA D 165 12.37 -15.55 -0.25
C ALA D 165 11.39 -14.83 -1.19
N LYS D 166 10.30 -15.50 -1.56
CA LYS D 166 9.40 -14.98 -2.59
C LYS D 166 7.97 -15.16 -2.08
N LYS D 167 7.45 -14.11 -1.45
CA LYS D 167 6.06 -14.10 -1.01
C LYS D 167 5.52 -12.68 -1.16
N VAL D 168 4.25 -12.59 -1.47
CA VAL D 168 3.62 -11.31 -1.78
C VAL D 168 3.39 -10.54 -0.50
N GLN D 169 3.74 -9.26 -0.50
CA GLN D 169 3.50 -8.40 0.65
C GLN D 169 2.01 -8.12 0.74
N THR D 170 1.35 -8.71 1.72
CA THR D 170 -0.10 -8.64 1.80
C THR D 170 -0.60 -7.94 3.06
N ALA D 171 0.00 -6.81 3.40
CA ALA D 171 -0.56 -5.99 4.49
C ALA D 171 -1.81 -5.30 3.96
N VAL D 172 -2.92 -5.44 4.69
CA VAL D 172 -4.21 -5.04 4.16
C VAL D 172 -4.37 -3.53 4.10
N TRP D 173 -3.76 -2.77 5.02
CA TRP D 173 -3.93 -1.32 5.01
C TRP D 173 -3.17 -0.62 3.90
N ASN D 174 -2.37 -1.34 3.13
CA ASN D 174 -1.74 -0.78 1.95
C ASN D 174 -2.10 -1.51 0.67
N ALA D 175 -2.96 -2.53 0.76
CA ALA D 175 -3.58 -3.22 -0.37
C ALA D 175 -2.58 -3.86 -1.33
N GLY D 176 -1.36 -4.14 -0.87
CA GLY D 176 -0.37 -4.81 -1.70
C GLY D 176 0.30 -3.95 -2.75
N MET D 177 -0.29 -2.84 -3.18
CA MET D 177 0.25 -2.04 -4.26
C MET D 177 1.04 -0.84 -3.76
N GLY D 178 1.15 -0.67 -2.45
CA GLY D 178 1.76 0.53 -1.92
C GLY D 178 0.91 1.76 -2.10
N VAL D 179 -0.37 1.67 -1.74
CA VAL D 179 -1.29 2.79 -1.90
C VAL D 179 -2.13 2.86 -0.63
N GLY D 180 -2.72 4.02 -0.38
CA GLY D 180 -3.68 4.14 0.71
C GLY D 180 -4.90 3.30 0.42
N VAL D 181 -5.32 2.51 1.40
CA VAL D 181 -6.42 1.59 1.19
C VAL D 181 -7.76 2.30 1.10
N GLY D 182 -7.91 3.44 1.75
CA GLY D 182 -9.17 4.18 1.65
C GLY D 182 -9.37 4.84 0.32
N ASN D 183 -8.28 5.13 -0.40
CA ASN D 183 -8.35 5.83 -1.67
C ASN D 183 -8.64 4.91 -2.85
N LEU D 184 -9.03 3.67 -2.61
CA LEU D 184 -9.21 2.73 -3.71
C LEU D 184 -10.51 2.93 -4.47
N THR D 185 -11.40 3.79 -3.99
CA THR D 185 -12.71 3.93 -4.59
C THR D 185 -12.72 4.77 -5.86
N ILE D 186 -11.56 5.20 -6.35
CA ILE D 186 -11.50 5.86 -7.65
C ILE D 186 -11.78 4.87 -8.78
N PHE D 187 -11.41 3.61 -8.59
CA PHE D 187 -11.69 2.56 -9.55
C PHE D 187 -13.19 2.22 -9.59
N PRO D 188 -13.66 1.45 -10.59
CA PRO D 188 -15.05 0.98 -10.55
C PRO D 188 -15.32 0.07 -9.37
N HIS D 189 -16.24 0.48 -8.50
CA HIS D 189 -16.42 -0.14 -7.20
C HIS D 189 -17.89 -0.20 -6.87
N GLN D 190 -18.19 -0.78 -5.71
CA GLN D 190 -19.55 -0.84 -5.19
C GLN D 190 -19.47 -1.16 -3.71
N TRP D 191 -20.34 -0.55 -2.92
CA TRP D 191 -20.41 -0.85 -1.50
C TRP D 191 -21.45 -1.92 -1.25
N ILE D 192 -21.11 -2.87 -0.39
CA ILE D 192 -22.08 -3.83 0.14
C ILE D 192 -22.28 -3.49 1.60
N ASN D 193 -23.44 -2.96 1.92
CA ASN D 193 -23.76 -2.53 3.27
C ASN D 193 -24.84 -3.45 3.80
N LEU D 194 -24.46 -4.38 4.68
CA LEU D 194 -25.33 -5.46 5.11
C LEU D 194 -26.53 -5.00 5.90
N ARG D 195 -26.55 -3.76 6.36
CA ARG D 195 -27.75 -3.21 6.99
C ARG D 195 -28.88 -3.05 5.97
N THR D 196 -28.58 -2.48 4.81
CA THR D 196 -29.59 -2.25 3.77
C THR D 196 -29.34 -2.99 2.47
N ASN D 197 -28.17 -2.81 1.86
CA ASN D 197 -27.84 -3.38 0.57
C ASN D 197 -27.55 -4.86 0.72
N ASN D 198 -27.62 -5.60 -0.38
CA ASN D 198 -27.34 -7.02 -0.29
C ASN D 198 -26.40 -7.55 -1.37
N SER D 199 -26.38 -6.98 -2.58
CA SER D 199 -25.60 -7.54 -3.67
C SER D 199 -24.95 -6.43 -4.47
N ALA D 200 -23.99 -6.82 -5.30
CA ALA D 200 -23.25 -5.89 -6.12
C ALA D 200 -23.02 -6.49 -7.50
N THR D 201 -22.92 -5.62 -8.50
CA THR D 201 -22.74 -6.07 -9.88
C THR D 201 -21.77 -5.12 -10.57
N LEU D 202 -20.84 -5.67 -11.33
CA LEU D 202 -19.89 -4.87 -12.10
C LEU D 202 -19.93 -5.31 -13.55
N VAL D 203 -19.65 -4.37 -14.44
CA VAL D 203 -19.52 -4.65 -15.86
C VAL D 203 -18.22 -4.01 -16.32
N MET D 204 -17.27 -4.82 -16.76
CA MET D 204 -15.95 -4.32 -17.06
C MET D 204 -15.60 -4.54 -18.51
N PRO D 205 -15.20 -3.50 -19.24
CA PRO D 205 -14.75 -3.68 -20.62
C PRO D 205 -13.28 -4.10 -20.64
N TYR D 206 -12.80 -4.41 -21.84
CA TYR D 206 -11.43 -4.87 -22.03
C TYR D 206 -10.51 -3.65 -22.06
N ILE D 207 -9.74 -3.47 -20.99
CA ILE D 207 -8.91 -2.29 -20.81
C ILE D 207 -7.46 -2.71 -20.95
N ASN D 208 -6.91 -2.55 -22.15
CA ASN D 208 -5.50 -2.84 -22.38
C ASN D 208 -5.01 -2.03 -23.55
N SER D 209 -3.69 -1.87 -23.61
CA SER D 209 -3.08 -1.08 -24.68
C SER D 209 -3.12 -1.83 -26.01
N VAL D 210 -2.44 -2.97 -26.07
CA VAL D 210 -2.42 -3.82 -27.26
C VAL D 210 -3.80 -4.45 -27.43
N PRO D 211 -4.38 -4.42 -28.64
CA PRO D 211 -5.74 -4.95 -28.82
C PRO D 211 -5.86 -6.45 -28.68
N MET D 212 -4.84 -7.21 -29.09
CA MET D 212 -4.88 -8.66 -28.93
C MET D 212 -3.60 -9.09 -28.24
N ASP D 213 -3.74 -9.49 -26.98
CA ASP D 213 -2.62 -9.75 -26.11
C ASP D 213 -2.63 -11.22 -25.71
N ASN D 214 -1.47 -11.72 -25.32
CA ASN D 214 -1.36 -13.05 -24.73
C ASN D 214 -2.17 -13.12 -23.44
N MET D 215 -2.78 -14.27 -23.22
CA MET D 215 -3.64 -14.48 -22.06
C MET D 215 -2.96 -15.27 -20.96
N PHE D 216 -1.73 -15.74 -21.17
CA PHE D 216 -1.06 -16.55 -20.18
C PHE D 216 -0.02 -15.77 -19.38
N ARG D 217 0.66 -14.83 -20.01
CA ARG D 217 1.63 -14.00 -19.33
C ARG D 217 1.06 -12.66 -18.89
N HIS D 218 -0.26 -12.54 -18.81
CA HIS D 218 -0.91 -11.27 -18.52
C HIS D 218 -2.12 -11.50 -17.63
N ASN D 219 -2.30 -10.62 -16.65
CA ASN D 219 -3.46 -10.62 -15.78
C ASN D 219 -4.02 -9.20 -15.80
N ASN D 220 -4.96 -8.95 -16.70
CA ASN D 220 -5.39 -7.57 -16.96
C ASN D 220 -6.42 -7.05 -15.96
N LEU D 221 -6.89 -7.86 -15.02
CA LEU D 221 -7.82 -7.39 -14.01
C LEU D 221 -7.53 -8.07 -12.69
N THR D 222 -8.19 -7.59 -11.64
CA THR D 222 -8.07 -8.15 -10.30
C THR D 222 -9.30 -7.76 -9.51
N LEU D 223 -10.03 -8.73 -9.00
CA LEU D 223 -11.25 -8.48 -8.25
C LEU D 223 -10.97 -8.60 -6.76
N MET D 224 -11.01 -7.49 -6.05
CA MET D 224 -10.69 -7.44 -4.64
C MET D 224 -11.95 -7.26 -3.82
N ILE D 225 -11.97 -7.83 -2.63
CA ILE D 225 -13.04 -7.63 -1.65
C ILE D 225 -12.38 -7.39 -0.31
N ILE D 226 -12.57 -6.19 0.25
CA ILE D 226 -11.95 -5.82 1.51
C ILE D 226 -13.04 -5.46 2.52
N PRO D 227 -13.07 -6.07 3.69
CA PRO D 227 -14.04 -5.68 4.71
C PRO D 227 -13.56 -4.47 5.48
N PHE D 228 -14.31 -3.37 5.42
CA PHE D 228 -13.94 -2.19 6.17
C PHE D 228 -14.42 -2.28 7.62
N VAL D 229 -15.73 -2.35 7.81
CA VAL D 229 -16.30 -2.61 9.12
C VAL D 229 -16.43 -4.12 9.29
N PRO D 230 -15.74 -4.71 10.26
CA PRO D 230 -15.67 -6.18 10.32
C PRO D 230 -16.98 -6.76 10.79
N LEU D 231 -17.12 -8.06 10.57
CA LEU D 231 -18.34 -8.76 10.90
C LEU D 231 -18.51 -8.88 12.40
N ASN D 232 -19.71 -8.55 12.89
CA ASN D 232 -20.02 -8.69 14.30
C ASN D 232 -21.42 -9.27 14.41
N TYR D 233 -21.65 -9.99 15.50
CA TYR D 233 -22.94 -10.62 15.73
C TYR D 233 -23.05 -10.95 17.21
N SER D 234 -24.23 -11.39 17.62
CA SER D 234 -24.39 -11.84 18.98
C SER D 234 -24.27 -13.35 19.06
N GLU D 235 -24.09 -13.85 20.28
CA GLU D 235 -23.97 -15.28 20.52
C GLU D 235 -25.32 -15.94 20.28
N GLY D 236 -25.35 -16.90 19.35
CA GLY D 236 -26.57 -17.57 18.94
C GLY D 236 -26.77 -17.58 17.44
N SER D 237 -26.25 -16.57 16.75
CA SER D 237 -26.29 -16.59 15.31
C SER D 237 -25.18 -17.48 14.75
N SER D 238 -25.15 -17.59 13.44
CA SER D 238 -24.13 -18.42 12.78
C SER D 238 -22.80 -17.69 12.82
N PRO D 239 -21.70 -18.37 13.09
CA PRO D 239 -20.42 -17.68 13.26
C PRO D 239 -19.65 -17.43 11.97
N TYR D 240 -20.30 -17.57 10.81
CA TYR D 240 -19.65 -17.18 9.56
C TYR D 240 -20.72 -16.74 8.58
N VAL D 241 -20.33 -15.91 7.63
CA VAL D 241 -21.23 -15.49 6.56
C VAL D 241 -20.62 -15.87 5.23
N PRO D 242 -21.28 -16.70 4.43
CA PRO D 242 -20.71 -17.08 3.15
C PRO D 242 -20.89 -16.01 2.09
N ILE D 243 -19.88 -15.90 1.23
CA ILE D 243 -19.89 -14.98 0.10
C ILE D 243 -19.74 -15.82 -1.16
N THR D 244 -20.65 -15.65 -2.11
CA THR D 244 -20.54 -16.31 -3.39
C THR D 244 -20.21 -15.27 -4.45
N VAL D 245 -19.37 -15.64 -5.41
CA VAL D 245 -18.94 -14.77 -6.49
C VAL D 245 -19.15 -15.51 -7.82
N THR D 246 -19.78 -14.83 -8.77
CA THR D 246 -20.14 -15.45 -10.04
C THR D 246 -19.64 -14.57 -11.16
N ILE D 247 -18.82 -15.14 -12.04
CA ILE D 247 -18.24 -14.41 -13.17
C ILE D 247 -18.90 -14.89 -14.44
N ALA D 248 -19.05 -14.00 -15.40
CA ALA D 248 -19.67 -14.35 -16.67
C ALA D 248 -18.94 -13.66 -17.82
N PRO D 249 -18.30 -14.41 -18.70
CA PRO D 249 -17.56 -13.77 -19.80
C PRO D 249 -18.49 -13.14 -20.81
N MET D 250 -17.97 -12.15 -21.52
CA MET D 250 -18.67 -11.48 -22.60
C MET D 250 -17.64 -11.01 -23.61
N CYS D 251 -18.07 -10.87 -24.87
CA CYS D 251 -17.26 -10.43 -26.01
C CYS D 251 -15.96 -11.25 -26.14
N ALA D 252 -16.10 -12.55 -25.94
CA ALA D 252 -14.96 -13.46 -26.02
C ALA D 252 -14.56 -13.69 -27.46
N GLU D 253 -13.30 -13.42 -27.77
CA GLU D 253 -12.80 -13.55 -29.13
C GLU D 253 -11.35 -14.01 -29.07
N TYR D 254 -10.95 -14.86 -29.99
CA TYR D 254 -9.63 -15.46 -30.00
C TYR D 254 -8.96 -15.32 -31.37
N ASN D 255 -7.83 -16.00 -31.53
CA ASN D 255 -7.01 -15.90 -32.73
C ASN D 255 -6.57 -17.31 -33.09
N GLY D 256 -6.84 -17.71 -34.33
CA GLY D 256 -6.41 -19.01 -34.81
C GLY D 256 -7.04 -19.31 -36.15
N LEU D 257 -6.23 -19.91 -37.02
CA LEU D 257 -6.68 -20.21 -38.37
C LEU D 257 -7.35 -21.57 -38.44
N GLY E 1 22.14 39.65 -47.68
CA GLY E 1 20.81 39.44 -48.25
C GLY E 1 19.75 40.23 -47.51
N LEU E 2 18.80 39.51 -46.93
CA LEU E 2 17.79 40.15 -46.08
C LEU E 2 18.44 40.61 -44.78
N PRO E 3 18.24 41.86 -44.35
CA PRO E 3 18.91 42.34 -43.14
C PRO E 3 18.08 42.03 -41.91
N VAL E 4 18.72 41.47 -40.88
CA VAL E 4 18.04 41.18 -39.63
C VAL E 4 18.83 41.79 -38.48
N MET E 5 18.37 41.55 -37.25
CA MET E 5 18.97 42.16 -36.06
C MET E 5 18.57 41.30 -34.87
N THR E 6 19.55 40.85 -34.10
CA THR E 6 19.28 39.93 -33.00
C THR E 6 18.96 40.69 -31.72
N THR E 7 17.77 40.50 -31.22
CA THR E 7 17.36 41.06 -29.94
C THR E 7 18.02 40.30 -28.81
N PRO E 8 18.19 40.91 -27.64
CA PRO E 8 18.71 40.18 -26.49
C PRO E 8 17.74 39.10 -26.03
N GLY E 9 18.30 38.09 -25.38
CA GLY E 9 17.55 36.89 -25.13
C GLY E 9 17.48 36.01 -26.37
N SER E 10 18.60 35.81 -27.05
CA SER E 10 18.62 35.08 -28.30
C SER E 10 19.24 33.69 -28.16
N THR E 11 20.46 33.61 -27.64
CA THR E 11 21.10 32.33 -27.40
C THR E 11 20.92 31.90 -25.95
N GLN E 12 19.66 31.79 -25.53
CA GLN E 12 19.36 31.38 -24.17
C GLN E 12 18.44 30.17 -24.20
N PHE E 13 18.36 29.50 -23.06
CA PHE E 13 17.55 28.29 -22.90
C PHE E 13 16.64 28.53 -21.71
N LEU E 14 15.35 28.69 -21.99
CA LEU E 14 14.38 28.84 -20.92
C LEU E 14 13.74 27.48 -20.65
N THR E 15 13.54 27.16 -19.38
CA THR E 15 13.02 25.86 -19.02
C THR E 15 11.55 25.68 -19.36
N SER E 16 10.80 26.78 -19.52
CA SER E 16 9.39 26.72 -19.84
C SER E 16 9.09 27.47 -21.13
N ASP E 17 9.88 27.25 -22.15
CA ASP E 17 9.65 27.87 -23.45
C ASP E 17 8.80 26.93 -24.30
N ASP E 18 8.35 27.41 -25.46
CA ASP E 18 7.63 26.56 -26.41
C ASP E 18 7.98 27.02 -27.81
N PHE E 19 9.00 26.41 -28.40
CA PHE E 19 9.37 26.66 -29.77
C PHE E 19 9.29 25.34 -30.53
N GLN E 20 9.12 25.44 -31.84
CA GLN E 20 9.01 24.24 -32.66
C GLN E 20 10.38 23.56 -32.73
N SER E 21 10.37 22.23 -32.65
CA SER E 21 11.60 21.50 -32.47
C SER E 21 11.88 20.58 -33.65
N PRO E 22 13.15 20.40 -34.02
CA PRO E 22 13.47 19.44 -35.09
C PRO E 22 13.31 18.01 -34.60
N SER E 23 12.76 17.15 -35.46
CA SER E 23 12.59 15.75 -35.11
C SER E 23 13.90 15.01 -35.25
N ALA E 24 14.05 13.94 -34.47
CA ALA E 24 15.23 13.10 -34.60
C ALA E 24 15.00 11.99 -35.61
N MET E 25 13.85 11.33 -35.54
CA MET E 25 13.51 10.25 -36.45
C MET E 25 12.29 10.66 -37.26
N PRO E 26 12.48 11.16 -38.47
CA PRO E 26 11.38 11.27 -39.41
C PRO E 26 11.11 9.92 -40.05
N GLN E 27 10.14 9.89 -40.96
CA GLN E 27 9.60 8.74 -41.68
C GLN E 27 9.38 7.51 -40.80
N PHE E 28 8.94 7.70 -39.56
CA PHE E 28 8.80 6.56 -38.67
C PHE E 28 7.45 5.86 -38.81
N ASP E 29 6.45 6.55 -39.37
CA ASP E 29 5.03 6.14 -39.50
C ASP E 29 4.51 5.54 -38.19
N VAL E 30 4.37 6.44 -37.22
CA VAL E 30 3.96 6.16 -35.84
C VAL E 30 2.69 5.30 -35.75
N THR E 31 2.65 4.43 -34.74
CA THR E 31 1.50 3.57 -34.47
C THR E 31 0.27 4.43 -34.19
N PRO E 32 -0.86 4.16 -34.84
CA PRO E 32 -2.03 5.03 -34.70
C PRO E 32 -2.72 4.98 -33.35
N GLU E 33 -3.84 5.67 -33.25
CA GLU E 33 -4.56 5.85 -31.99
C GLU E 33 -5.58 4.72 -31.80
N MET E 34 -6.18 4.70 -30.62
CA MET E 34 -7.19 3.70 -30.29
C MET E 34 -8.13 4.29 -29.24
N GLN E 35 -9.43 3.99 -29.35
CA GLN E 35 -10.37 4.43 -28.33
C GLN E 35 -10.27 3.59 -27.07
N ILE E 36 -9.30 3.88 -26.22
CA ILE E 36 -9.18 3.21 -24.93
C ILE E 36 -10.19 3.84 -23.98
N PRO E 37 -10.99 3.04 -23.27
CA PRO E 37 -12.02 3.62 -22.41
C PRO E 37 -11.42 4.22 -21.14
N GLY E 38 -12.08 5.24 -20.64
CA GLY E 38 -11.66 5.86 -19.40
C GLY E 38 -10.62 6.94 -19.57
N ARG E 39 -10.92 7.96 -20.35
CA ARG E 39 -9.99 9.05 -20.59
C ARG E 39 -10.27 10.19 -19.63
N VAL E 40 -9.22 10.76 -19.07
CA VAL E 40 -9.30 11.93 -18.22
C VAL E 40 -8.74 13.12 -18.97
N ASN E 41 -9.44 14.26 -18.92
CA ASN E 41 -8.95 15.48 -19.55
C ASN E 41 -8.85 16.65 -18.60
N ASN E 42 -9.20 16.46 -17.33
CA ASN E 42 -9.07 17.50 -16.33
C ASN E 42 -8.89 16.84 -14.98
N LEU E 43 -7.96 17.36 -14.18
CA LEU E 43 -7.64 16.72 -12.92
C LEU E 43 -8.69 16.94 -11.85
N MET E 44 -9.70 17.76 -12.09
CA MET E 44 -10.78 17.86 -11.12
C MET E 44 -11.72 16.68 -11.20
N GLU E 45 -11.64 15.89 -12.27
CA GLU E 45 -12.44 14.68 -12.39
C GLU E 45 -12.05 13.62 -11.37
N ILE E 46 -10.79 13.56 -10.97
CA ILE E 46 -10.40 12.63 -9.91
C ILE E 46 -11.01 13.07 -8.58
N ALA E 47 -11.09 14.38 -8.33
CA ALA E 47 -11.53 14.86 -7.03
C ALA E 47 -13.04 14.73 -6.81
N GLU E 48 -13.82 14.34 -7.81
CA GLU E 48 -15.25 14.21 -7.58
C GLU E 48 -15.64 12.90 -6.91
N VAL E 49 -14.78 11.89 -6.96
CA VAL E 49 -15.15 10.62 -6.36
C VAL E 49 -14.96 10.69 -4.85
N ASP E 50 -15.58 9.74 -4.16
CA ASP E 50 -15.61 9.75 -2.70
C ASP E 50 -14.48 8.87 -2.18
N SER E 51 -13.87 9.31 -1.08
CA SER E 51 -12.77 8.57 -0.48
C SER E 51 -12.90 8.61 1.03
N VAL E 52 -12.48 7.52 1.65
CA VAL E 52 -12.71 7.32 3.08
C VAL E 52 -11.70 8.15 3.88
N VAL E 53 -12.18 8.78 4.93
CA VAL E 53 -11.37 9.71 5.72
C VAL E 53 -10.82 8.97 6.93
N PRO E 54 -9.52 8.94 7.12
CA PRO E 54 -8.97 8.29 8.32
C PRO E 54 -9.13 9.14 9.56
N VAL E 55 -10.34 9.15 10.13
CA VAL E 55 -10.69 10.11 11.16
C VAL E 55 -10.43 9.59 12.56
N ASN E 56 -9.89 8.39 12.69
CA ASN E 56 -9.72 7.74 13.97
C ASN E 56 -8.26 7.32 14.18
N ASN E 57 -7.33 8.27 13.99
CA ASN E 57 -5.90 7.98 13.97
C ASN E 57 -5.37 7.46 15.29
N THR E 58 -5.38 8.32 16.33
CA THR E 58 -4.98 8.13 17.73
C THR E 58 -3.74 7.27 17.97
N GLU E 59 -2.76 7.34 17.06
CA GLU E 59 -1.39 6.82 17.22
C GLU E 59 -1.29 5.30 17.36
N ASP E 60 -2.40 4.59 17.37
CA ASP E 60 -2.41 3.16 17.62
C ASP E 60 -3.19 2.41 16.57
N ASN E 61 -4.23 3.02 16.00
CA ASN E 61 -4.98 2.44 14.91
C ASN E 61 -4.54 3.00 13.57
N VAL E 62 -3.34 3.58 13.50
CA VAL E 62 -2.89 4.14 12.24
C VAL E 62 -2.51 3.04 11.25
N SER E 63 -1.78 2.02 11.70
CA SER E 63 -1.37 0.94 10.80
C SER E 63 -2.34 -0.22 10.85
N SER E 64 -3.62 0.07 10.68
CA SER E 64 -4.67 -0.95 10.60
C SER E 64 -5.88 -0.32 9.95
N LEU E 65 -6.92 -1.14 9.78
CA LEU E 65 -8.17 -0.69 9.20
C LEU E 65 -9.11 -0.08 10.23
N LYS E 66 -8.66 0.12 11.45
CA LYS E 66 -9.46 0.82 12.44
C LYS E 66 -9.29 2.33 12.35
N ALA E 67 -8.56 2.83 11.36
CA ALA E 67 -8.42 4.27 11.21
C ALA E 67 -9.66 4.90 10.58
N TYR E 68 -10.47 4.12 9.89
CA TYR E 68 -11.64 4.66 9.20
C TYR E 68 -12.94 4.43 9.94
N GLN E 69 -12.90 3.77 11.09
CA GLN E 69 -14.10 3.34 11.79
C GLN E 69 -14.23 4.08 13.11
N ILE E 70 -15.36 4.75 13.29
CA ILE E 70 -15.63 5.51 14.50
C ILE E 70 -16.50 4.64 15.41
N PRO E 71 -16.02 4.27 16.59
CA PRO E 71 -16.84 3.43 17.48
C PRO E 71 -18.01 4.20 18.05
N VAL E 72 -19.18 3.56 18.03
CA VAL E 72 -20.42 4.13 18.56
C VAL E 72 -21.08 3.05 19.40
N GLN E 73 -21.30 3.35 20.68
CA GLN E 73 -21.94 2.39 21.58
C GLN E 73 -22.88 3.13 22.51
N SER E 74 -23.80 2.37 23.10
CA SER E 74 -24.85 2.94 23.95
C SER E 74 -24.27 3.14 25.34
N ASN E 75 -23.80 4.34 25.61
CA ASN E 75 -23.24 4.66 26.91
C ASN E 75 -24.37 5.05 27.87
N SER E 76 -24.00 5.48 29.07
CA SER E 76 -24.97 5.90 30.06
C SER E 76 -25.25 7.39 30.06
N ASP E 77 -24.28 8.22 29.68
CA ASP E 77 -24.48 9.65 29.57
C ASP E 77 -25.21 9.97 28.27
N ASN E 78 -26.16 10.89 28.35
CA ASN E 78 -26.90 11.34 27.17
C ASN E 78 -26.25 12.63 26.66
N GLY E 79 -25.41 12.49 25.65
CA GLY E 79 -24.79 13.62 24.98
C GLY E 79 -23.30 13.74 25.23
N LYS E 80 -22.53 13.22 24.28
CA LYS E 80 -21.08 13.28 24.33
C LYS E 80 -20.59 13.40 22.90
N GLN E 81 -19.39 13.93 22.75
CA GLN E 81 -18.81 14.13 21.42
C GLN E 81 -18.44 12.78 20.84
N VAL E 82 -19.10 12.40 19.76
CA VAL E 82 -18.76 11.16 19.07
C VAL E 82 -17.41 11.30 18.38
N PHE E 83 -17.28 12.29 17.52
CA PHE E 83 -15.99 12.62 16.93
C PHE E 83 -15.97 14.11 16.63
N GLY E 84 -14.85 14.57 16.10
CA GLY E 84 -14.70 15.97 15.77
C GLY E 84 -13.32 16.26 15.24
N PHE E 85 -13.24 17.13 14.23
CA PHE E 85 -11.97 17.42 13.65
C PHE E 85 -12.03 18.81 13.06
N PRO E 86 -10.95 19.59 13.13
CA PRO E 86 -10.96 20.91 12.52
C PRO E 86 -10.79 20.82 11.01
N LEU E 87 -10.84 21.98 10.37
CA LEU E 87 -10.65 22.07 8.93
C LEU E 87 -9.50 22.97 8.54
N GLN E 88 -8.38 22.88 9.25
CA GLN E 88 -7.19 23.66 8.93
C GLN E 88 -6.59 23.14 7.62
N PRO E 89 -6.19 24.02 6.70
CA PRO E 89 -5.64 23.55 5.42
C PRO E 89 -4.21 23.07 5.58
N GLY E 90 -3.98 21.81 5.20
CA GLY E 90 -2.63 21.29 5.02
C GLY E 90 -1.86 20.94 6.29
N ALA E 91 -2.23 21.49 7.44
CA ALA E 91 -1.43 21.31 8.64
C ALA E 91 -1.82 20.01 9.33
N ASN E 92 -1.36 18.90 8.74
CA ASN E 92 -1.42 17.51 9.25
C ASN E 92 -2.83 17.06 9.67
N ASN E 93 -3.87 17.69 9.14
CA ASN E 93 -5.24 17.35 9.51
C ASN E 93 -5.66 16.03 8.87
N VAL E 94 -6.88 15.60 9.13
CA VAL E 94 -7.30 14.27 8.71
C VAL E 94 -7.66 14.18 7.24
N LEU E 95 -7.93 15.31 6.58
CA LEU E 95 -8.24 15.30 5.16
C LEU E 95 -7.00 15.42 4.29
N ASN E 96 -5.82 15.07 4.82
CA ASN E 96 -4.60 15.38 4.11
C ASN E 96 -4.26 14.28 3.11
N ARG E 97 -4.36 13.03 3.52
CA ARG E 97 -3.92 11.92 2.69
C ARG E 97 -5.05 11.29 1.90
N THR E 98 -6.24 11.88 1.90
CA THR E 98 -7.30 11.38 1.06
C THR E 98 -7.08 11.79 -0.39
N LEU E 99 -8.02 11.41 -1.25
CA LEU E 99 -7.85 11.66 -2.67
C LEU E 99 -8.07 13.12 -3.02
N LEU E 100 -8.91 13.83 -2.29
CA LEU E 100 -9.02 15.26 -2.50
C LEU E 100 -7.76 15.97 -2.02
N GLY E 101 -7.18 15.49 -0.93
CA GLY E 101 -6.01 16.15 -0.37
C GLY E 101 -4.75 15.97 -1.17
N GLU E 102 -4.57 14.83 -1.82
CA GLU E 102 -3.33 14.58 -2.53
C GLU E 102 -3.22 15.37 -3.83
N ILE E 103 -4.34 15.85 -4.37
CA ILE E 103 -4.25 16.73 -5.52
C ILE E 103 -4.05 18.17 -5.07
N LEU E 104 -4.75 18.59 -4.02
CA LEU E 104 -4.67 19.97 -3.57
C LEU E 104 -3.42 20.30 -2.79
N ASN E 105 -2.46 19.38 -2.68
CA ASN E 105 -1.15 19.71 -2.21
C ASN E 105 -0.19 20.02 -3.34
N TYR E 106 -0.71 20.22 -4.55
CA TYR E 106 0.12 20.66 -5.65
C TYR E 106 -0.05 22.14 -5.96
N TYR E 107 -1.09 22.77 -5.44
CA TYR E 107 -1.38 24.17 -5.72
C TYR E 107 -1.37 24.96 -4.41
N THR E 108 -1.40 26.29 -4.53
CA THR E 108 -1.36 27.13 -3.35
C THR E 108 -2.65 27.90 -3.10
N HIS E 109 -3.48 28.14 -4.11
CA HIS E 109 -4.73 28.86 -3.94
C HIS E 109 -5.88 28.00 -4.41
N TRP E 110 -6.86 27.79 -3.54
CA TRP E 110 -8.06 27.05 -3.91
C TRP E 110 -9.17 27.42 -2.94
N SER E 111 -10.41 27.37 -3.43
CA SER E 111 -11.50 27.92 -2.64
C SER E 111 -12.83 27.35 -3.10
N GLY E 112 -13.43 26.51 -2.27
CA GLY E 112 -14.76 25.99 -2.60
C GLY E 112 -15.30 25.08 -1.52
N SER E 113 -16.18 24.19 -1.94
CA SER E 113 -17.05 23.45 -1.03
C SER E 113 -16.75 21.95 -1.05
N ILE E 114 -17.29 21.26 -0.07
CA ILE E 114 -16.95 19.87 0.22
C ILE E 114 -18.23 19.14 0.62
N LYS E 115 -18.47 17.98 0.00
CA LYS E 115 -19.52 17.09 0.49
C LYS E 115 -18.94 16.10 1.47
N LEU E 116 -19.49 16.08 2.67
CA LEU E 116 -19.08 15.13 3.71
C LEU E 116 -20.17 14.09 3.85
N THR E 117 -20.13 13.06 3.01
CA THR E 117 -21.14 12.01 3.02
C THR E 117 -20.82 11.01 4.13
N PHE E 118 -21.76 10.82 5.03
CA PHE E 118 -21.61 9.86 6.11
C PHE E 118 -22.38 8.59 5.79
N MET E 119 -22.11 7.54 6.57
CA MET E 119 -22.80 6.28 6.41
C MET E 119 -22.73 5.52 7.72
N PHE E 120 -23.88 5.08 8.21
CA PHE E 120 -23.95 4.29 9.43
C PHE E 120 -23.94 2.82 9.05
N CYS E 121 -22.87 2.12 9.41
CA CYS E 121 -22.80 0.69 9.20
C CYS E 121 -22.97 -0.06 10.52
N GLY E 122 -24.22 -0.26 10.89
CA GLY E 122 -24.52 -1.04 12.06
C GLY E 122 -25.55 -2.09 11.71
N SER E 123 -26.27 -2.60 12.70
CA SER E 123 -27.31 -3.56 12.41
C SER E 123 -28.52 -2.87 11.78
N ALA E 124 -29.46 -3.68 11.31
CA ALA E 124 -30.66 -3.15 10.70
C ALA E 124 -31.80 -2.98 11.69
N MET E 125 -31.61 -3.35 12.95
CA MET E 125 -32.64 -3.22 13.96
C MET E 125 -32.39 -2.09 14.94
N ALA E 126 -31.20 -1.49 14.92
CA ALA E 126 -30.85 -0.47 15.89
C ALA E 126 -31.23 0.91 15.37
N THR E 127 -31.72 1.75 16.27
CA THR E 127 -32.05 3.13 15.95
C THR E 127 -31.22 4.08 16.81
N GLY E 128 -31.51 5.36 16.65
CA GLY E 128 -30.76 6.39 17.34
C GLY E 128 -30.87 7.69 16.58
N LYS E 129 -30.27 8.73 17.13
CA LYS E 129 -30.28 10.03 16.49
C LYS E 129 -28.95 10.72 16.74
N PHE E 130 -28.45 11.41 15.74
CA PHE E 130 -27.16 12.09 15.84
C PHE E 130 -27.29 13.52 15.37
N LEU E 131 -26.59 14.43 16.04
CA LEU E 131 -26.45 15.80 15.59
C LEU E 131 -25.16 15.94 14.79
N LEU E 132 -25.22 16.72 13.72
CA LEU E 132 -24.05 16.99 12.88
C LEU E 132 -23.91 18.51 12.83
N ALA E 133 -23.21 19.06 13.80
CA ALA E 133 -23.06 20.50 13.87
C ALA E 133 -21.81 20.93 13.13
N TYR E 134 -21.96 21.95 12.31
CA TYR E 134 -20.83 22.62 11.66
C TYR E 134 -20.63 23.97 12.29
N SER E 135 -19.40 24.25 12.71
CA SER E 135 -19.27 25.61 13.22
C SER E 135 -18.62 26.51 12.18
N PRO E 136 -19.17 27.70 11.99
CA PRO E 136 -18.55 28.66 11.06
C PRO E 136 -17.21 29.14 11.60
N PRO E 137 -16.32 29.62 10.73
CA PRO E 137 -15.01 30.06 11.21
C PRO E 137 -15.11 31.35 11.99
N GLY E 138 -14.32 31.46 13.05
CA GLY E 138 -14.35 32.61 13.91
C GLY E 138 -15.09 32.31 15.19
N ALA E 139 -16.22 31.62 15.08
CA ALA E 139 -16.93 31.17 16.26
C ALA E 139 -16.19 30.02 16.91
N GLY E 140 -16.38 29.88 18.22
CA GLY E 140 -15.66 28.87 18.96
C GLY E 140 -16.19 27.48 18.72
N VAL E 141 -15.43 26.50 19.18
CA VAL E 141 -15.91 25.11 19.15
C VAL E 141 -17.00 24.94 20.19
N PRO E 142 -18.12 24.29 19.87
CA PRO E 142 -19.16 24.11 20.88
C PRO E 142 -18.74 23.05 21.88
N LYS E 143 -18.87 23.38 23.16
CA LYS E 143 -18.50 22.48 24.23
C LYS E 143 -19.70 21.86 24.90
N ASN E 144 -20.84 21.84 24.23
CA ASN E 144 -22.08 21.41 24.85
C ASN E 144 -23.03 20.97 23.76
N ARG E 145 -24.00 20.15 24.15
CA ARG E 145 -25.00 19.73 23.18
C ARG E 145 -25.97 20.84 22.86
N LYS E 146 -26.21 21.75 23.81
CA LYS E 146 -27.27 22.73 23.64
C LYS E 146 -26.90 23.80 22.62
N ASP E 147 -25.73 24.40 22.75
CA ASP E 147 -25.35 25.44 21.81
C ASP E 147 -24.98 24.90 20.44
N ALA E 148 -24.66 23.62 20.32
CA ALA E 148 -24.48 23.02 19.01
C ALA E 148 -25.79 22.97 18.24
N MET E 149 -26.90 22.84 18.95
CA MET E 149 -28.22 22.97 18.33
C MET E 149 -28.50 24.41 17.93
N LEU E 150 -27.86 25.38 18.57
CA LEU E 150 -28.11 26.78 18.24
C LEU E 150 -27.41 27.19 16.95
N GLY E 151 -26.30 26.56 16.61
CA GLY E 151 -25.64 26.83 15.35
C GLY E 151 -26.33 26.17 14.19
N THR E 152 -25.65 26.16 13.04
CA THR E 152 -26.15 25.41 11.92
C THR E 152 -25.89 23.92 12.13
N HIS E 153 -26.91 23.12 11.91
CA HIS E 153 -26.86 21.72 12.28
C HIS E 153 -27.89 20.95 11.48
N VAL E 154 -27.76 19.63 11.49
CA VAL E 154 -28.70 18.74 10.83
C VAL E 154 -28.84 17.48 11.69
N ILE E 155 -30.07 17.17 12.07
CA ILE E 155 -30.32 16.00 12.90
C ILE E 155 -30.45 14.79 12.00
N TRP E 156 -29.81 13.70 12.39
CA TRP E 156 -29.65 12.53 11.54
C TRP E 156 -30.33 11.35 12.20
N ASP E 157 -31.46 10.93 11.65
CA ASP E 157 -32.13 9.74 12.11
C ASP E 157 -31.39 8.53 11.57
N VAL E 158 -31.41 7.43 12.32
CA VAL E 158 -30.72 6.24 11.86
C VAL E 158 -31.69 5.23 11.29
N GLY E 159 -32.89 5.14 11.86
CA GLY E 159 -33.85 4.15 11.39
C GLY E 159 -34.44 4.47 10.03
N LEU E 160 -34.55 5.75 9.69
CA LEU E 160 -35.14 6.12 8.41
C LEU E 160 -34.14 6.00 7.28
N GLN E 161 -33.01 6.69 7.40
CA GLN E 161 -32.00 6.71 6.36
C GLN E 161 -30.66 6.29 6.95
N SER E 162 -29.71 6.00 6.07
CA SER E 162 -28.40 5.53 6.51
C SER E 162 -27.27 6.38 5.95
N SER E 163 -27.57 7.57 5.44
CA SER E 163 -26.55 8.44 4.86
C SER E 163 -27.09 9.86 4.81
N CYS E 164 -26.48 10.78 5.54
CA CYS E 164 -26.88 12.17 5.54
C CYS E 164 -25.73 13.02 5.05
N VAL E 165 -25.94 13.71 3.93
CA VAL E 165 -24.90 14.43 3.21
C VAL E 165 -24.85 15.85 3.71
N LEU E 166 -23.66 16.35 4.04
CA LEU E 166 -23.47 17.69 4.54
C LEU E 166 -22.54 18.47 3.61
N CYS E 167 -22.91 19.71 3.29
CA CYS E 167 -22.11 20.57 2.43
C CYS E 167 -21.48 21.69 3.25
N VAL E 168 -20.22 22.00 2.95
CA VAL E 168 -19.45 22.93 3.76
C VAL E 168 -18.32 23.54 2.93
N PRO E 169 -18.13 24.86 2.96
CA PRO E 169 -17.03 25.47 2.20
C PRO E 169 -15.69 25.27 2.90
N TRP E 170 -14.63 25.32 2.09
CA TRP E 170 -13.27 25.07 2.56
C TRP E 170 -12.31 25.98 1.81
N ILE E 171 -11.52 26.75 2.56
CA ILE E 171 -10.70 27.81 1.99
C ILE E 171 -9.23 27.44 2.20
N SER E 172 -8.36 28.12 1.48
CA SER E 172 -6.93 27.89 1.63
C SER E 172 -6.42 28.51 2.91
N ALA E 186 -9.59 30.50 14.17
CA ALA E 186 -10.29 29.24 13.97
C ALA E 186 -10.69 29.09 12.50
N ALA E 187 -11.04 27.87 12.10
CA ALA E 187 -11.41 27.59 10.73
C ALA E 187 -12.67 26.77 10.59
N GLY E 188 -13.18 26.17 11.66
CA GLY E 188 -14.40 25.39 11.62
C GLY E 188 -14.22 24.05 12.31
N TYR E 189 -15.35 23.51 12.74
CA TYR E 189 -15.39 22.19 13.36
C TYR E 189 -16.61 21.46 12.84
N VAL E 190 -16.48 20.16 12.64
CA VAL E 190 -17.55 19.37 12.06
C VAL E 190 -17.95 18.34 13.11
N THR E 191 -18.00 18.78 14.36
CA THR E 191 -18.30 17.90 15.49
C THR E 191 -19.66 17.22 15.37
N CYS E 192 -19.80 16.11 16.11
CA CYS E 192 -20.99 15.27 16.06
C CYS E 192 -21.32 14.77 17.46
N TRP E 193 -22.57 14.93 17.86
CA TRP E 193 -22.97 14.70 19.25
C TRP E 193 -24.02 13.60 19.34
N TYR E 194 -24.01 12.91 20.48
CA TYR E 194 -25.07 11.97 20.78
C TYR E 194 -26.35 12.70 21.08
N GLN E 195 -27.42 12.38 20.36
CA GLN E 195 -28.71 12.95 20.70
C GLN E 195 -29.48 12.00 21.61
N THR E 196 -29.55 10.73 21.24
CA THR E 196 -30.13 9.69 22.08
C THR E 196 -29.10 8.59 22.26
N ASN E 197 -29.54 7.50 22.90
CA ASN E 197 -28.72 6.31 22.95
C ASN E 197 -28.95 5.47 21.69
N ILE E 198 -28.48 4.23 21.73
CA ILE E 198 -28.71 3.29 20.64
C ILE E 198 -29.68 2.24 21.16
N VAL E 199 -30.92 2.30 20.68
CA VAL E 199 -31.94 1.34 21.09
C VAL E 199 -31.80 0.09 20.24
N VAL E 200 -31.52 -1.04 20.89
CA VAL E 200 -31.36 -2.29 20.17
C VAL E 200 -32.33 -3.32 20.74
N PRO E 201 -32.72 -4.32 19.98
CA PRO E 201 -33.42 -5.46 20.58
C PRO E 201 -32.41 -6.43 21.15
N ALA E 202 -32.86 -7.47 21.83
CA ALA E 202 -31.93 -8.46 22.34
C ALA E 202 -31.38 -9.31 21.21
N ASP E 203 -30.27 -10.00 21.49
CA ASP E 203 -29.51 -10.80 20.53
C ASP E 203 -29.01 -9.98 19.35
N VAL E 204 -28.81 -8.68 19.54
CA VAL E 204 -28.19 -7.79 18.57
C VAL E 204 -27.05 -7.08 19.28
N GLN E 205 -25.89 -7.01 18.63
CA GLN E 205 -24.78 -6.28 19.22
C GLN E 205 -25.01 -4.78 19.13
N SER E 206 -24.25 -4.04 19.92
CA SER E 206 -24.46 -2.61 20.05
C SER E 206 -23.35 -1.76 19.48
N SER E 207 -22.11 -2.24 19.46
CA SER E 207 -20.96 -1.43 19.08
C SER E 207 -20.91 -1.28 17.57
N CYS E 208 -21.73 -0.37 17.05
CA CYS E 208 -21.78 -0.11 15.62
C CYS E 208 -20.78 0.97 15.25
N ASP E 209 -20.39 0.99 13.98
CA ASP E 209 -19.37 1.89 13.49
C ASP E 209 -19.94 2.87 12.48
N ILE E 210 -19.15 3.87 12.11
CA ILE E 210 -19.57 4.93 11.21
C ILE E 210 -18.44 5.20 10.23
N LEU E 211 -18.73 5.16 8.94
CA LEU E 211 -17.79 5.56 7.92
C LEU E 211 -18.04 7.00 7.49
N CYS E 212 -17.00 7.64 6.96
CA CYS E 212 -17.07 9.02 6.52
C CYS E 212 -16.41 9.18 5.17
N PHE E 213 -17.01 9.99 4.30
CA PHE E 213 -16.48 10.23 2.98
C PHE E 213 -16.29 11.71 2.73
N VAL E 214 -15.42 12.02 1.79
CA VAL E 214 -15.12 13.41 1.41
C VAL E 214 -15.10 13.46 -0.11
N SER E 215 -15.45 14.62 -0.65
CA SER E 215 -15.59 14.75 -2.09
C SER E 215 -15.33 16.20 -2.47
N ALA E 216 -15.61 16.52 -3.72
CA ALA E 216 -15.62 17.89 -4.19
C ALA E 216 -17.02 18.20 -4.67
N CYS E 217 -17.47 19.44 -4.47
CA CYS E 217 -18.79 19.82 -4.92
C CYS E 217 -18.74 20.49 -6.29
N ASN E 218 -17.80 20.08 -7.13
CA ASN E 218 -17.46 20.52 -8.50
C ASN E 218 -17.51 22.02 -8.70
N ASP E 219 -17.10 22.82 -7.72
CA ASP E 219 -17.18 24.27 -7.87
C ASP E 219 -15.99 24.99 -7.25
N PHE E 220 -14.76 24.53 -7.49
CA PHE E 220 -13.59 25.27 -7.05
C PHE E 220 -12.42 25.08 -7.99
N SER E 221 -11.61 26.13 -8.09
CA SER E 221 -10.49 26.22 -9.01
C SER E 221 -9.19 26.34 -8.25
N VAL E 222 -8.09 25.98 -8.93
CA VAL E 222 -6.77 26.04 -8.34
C VAL E 222 -5.86 26.90 -9.20
N ARG E 223 -4.90 27.56 -8.54
CA ARG E 223 -3.91 28.39 -9.21
C ARG E 223 -2.54 28.09 -8.62
N MET E 224 -1.50 28.50 -9.35
CA MET E 224 -0.11 28.56 -8.88
C MET E 224 0.43 27.20 -8.48
N LEU E 225 0.65 26.36 -9.49
CA LEU E 225 1.18 25.01 -9.29
C LEU E 225 2.52 25.02 -8.57
N LYS E 226 2.78 23.96 -7.80
CA LYS E 226 4.06 23.73 -7.15
C LYS E 226 4.27 22.23 -7.04
N ASP E 227 5.28 21.82 -6.27
CA ASP E 227 5.48 20.41 -5.99
C ASP E 227 4.94 20.05 -4.61
N THR E 228 4.79 18.78 -4.37
CA THR E 228 4.30 18.25 -3.12
C THR E 228 5.42 18.17 -2.09
N PRO E 229 5.10 18.23 -0.80
CA PRO E 229 6.11 17.97 0.23
C PRO E 229 6.14 16.54 0.75
N PHE E 230 5.40 15.60 0.16
CA PHE E 230 5.37 14.23 0.63
C PHE E 230 6.37 13.34 -0.09
N ILE E 231 7.63 13.78 -0.15
CA ILE E 231 8.69 13.07 -0.83
C ILE E 231 10.02 13.56 -0.27
N ARG E 232 11.08 12.77 -0.48
CA ARG E 232 12.40 13.12 0.01
C ARG E 232 12.96 14.35 -0.72
#